data_3OQO
#
_entry.id   3OQO
#
_cell.length_a   74.150
_cell.length_b   105.210
_cell.length_c   173.730
_cell.angle_alpha   90.00
_cell.angle_beta   90.00
_cell.angle_gamma   90.00
#
_symmetry.space_group_name_H-M   'P 21 21 21'
#
loop_
_entity.id
_entity.type
_entity.pdbx_description
1 polymer 'Catabolite control protein A'
2 polymer 'Phosphocarrier protein HPr'
3 polymer "5'-D(*CP*TP*GP*TP*TP*AP*GP*CP*GP*CP*TP*TP*TP*CP*AP*G)-3'"
4 polymer "5'-D(*CP*TP*GP*AP*AP*AP*GP*CP*GP*CP*TP*AP*AP*CP*AP*G)-3'"
5 non-polymer 'SULFATE ION'
6 water water
#
loop_
_entity_poly.entity_id
_entity_poly.type
_entity_poly.pdbx_seq_one_letter_code
_entity_poly.pdbx_strand_id
1 'polypeptide(L)'
;MNITIYDVAREANVSMATVSRVVNGNPNVKPTTRKKVLEAIERLGYRPNAVARGLASKKTTTVGVIIPDISSIFYSELAR
GIEDIATMYKYNIILSNSDQNMEKELHLLNTMLGKQVDGIVFMGGNITDEHVAEFKRSPVPIVLAASVEEQEETPSVAID
YEQAIYDAVKLLVDKGHTDIAFVSGPMAEPINRSKKLQGYKRALEEANLPFNEQFVAEGDYTYDSGLEALQHLMSLDKKP
TAILSATDEMALGIIHAAQDQGLSIPEDLDIIGFDNTRLSLMVRPQLSTVVQPTYDIGAVAMRLLTKLMNKEPVEEHIVE
LPHRIELRKSTKAHHHHHH
;
A,C
2 'polypeptide(L)'
;AQKTFKVTADSGIHARPATVLVQTASKYDADVNLEYNGKTVNLK(SEP)IMGVMSLGIAKGAEITISASGADENDALNAL
EETMKSEGLGE
;
S,D
3 'polydeoxyribonucleotide' (DC)(DT)(DG)(DT)(DT)(DA)(DG)(DC)(DG)(DC)(DT)(DT)(DT)(DC)(DA)(DG) E
4 'polydeoxyribonucleotide' (DC)(DT)(DG)(DA)(DA)(DA)(DG)(DC)(DG)(DC)(DT)(DA)(DA)(DC)(DA)(DG) B
#
# COMPACT_ATOMS: atom_id res chain seq x y z
N MET A 1 20.48 18.51 -22.27
CA MET A 1 21.83 19.11 -22.46
C MET A 1 21.97 20.39 -21.64
N ASN A 2 21.05 20.59 -20.70
CA ASN A 2 21.07 21.79 -19.88
C ASN A 2 21.69 21.60 -18.52
N ILE A 3 22.51 22.57 -18.13
CA ILE A 3 23.23 22.58 -16.86
C ILE A 3 23.64 21.20 -16.32
N THR A 4 24.84 20.77 -16.72
CA THR A 4 25.39 19.49 -16.30
C THR A 4 26.61 19.74 -15.42
N ILE A 5 27.16 18.68 -14.87
CA ILE A 5 28.33 18.78 -14.01
C ILE A 5 29.45 19.48 -14.77
N TYR A 6 29.28 19.57 -16.10
CA TYR A 6 30.26 20.26 -16.92
C TYR A 6 30.04 21.76 -16.78
N ASP A 7 28.80 22.20 -17.01
CA ASP A 7 28.44 23.61 -16.90
C ASP A 7 28.79 24.19 -15.54
N VAL A 8 28.77 23.33 -14.52
CA VAL A 8 29.09 23.72 -13.16
C VAL A 8 30.60 23.93 -13.04
N ALA A 9 31.36 22.90 -13.42
CA ALA A 9 32.82 22.93 -13.35
C ALA A 9 33.40 24.19 -14.00
N ARG A 10 32.72 24.66 -15.04
CA ARG A 10 33.16 25.86 -15.73
C ARG A 10 32.80 27.08 -14.91
N GLU A 11 31.59 27.13 -14.39
CA GLU A 11 31.16 28.24 -13.56
C GLU A 11 32.03 28.36 -12.31
N ALA A 12 32.80 27.32 -12.01
CA ALA A 12 33.67 27.30 -10.84
C ALA A 12 35.14 27.10 -11.19
N ASN A 13 35.49 27.33 -12.45
CA ASN A 13 36.87 27.20 -12.90
C ASN A 13 37.60 25.98 -12.33
N VAL A 14 36.84 24.91 -12.09
CA VAL A 14 37.42 23.67 -11.57
C VAL A 14 36.98 22.53 -12.46
N SER A 15 37.56 21.34 -12.24
CA SER A 15 37.20 20.18 -13.06
C SER A 15 35.94 19.44 -12.58
N MET A 16 35.40 18.60 -13.47
CA MET A 16 34.24 17.81 -13.14
C MET A 16 34.51 17.01 -11.87
N ALA A 17 35.61 16.27 -11.84
CA ALA A 17 35.96 15.45 -10.67
C ALA A 17 35.79 16.23 -9.37
N THR A 18 35.97 17.55 -9.42
CA THR A 18 35.79 18.35 -8.22
C THR A 18 34.29 18.51 -8.04
N VAL A 19 33.58 18.92 -9.09
CA VAL A 19 32.14 19.08 -8.96
C VAL A 19 31.56 17.78 -8.45
N SER A 20 32.17 16.65 -8.83
CA SER A 20 31.69 15.34 -8.38
C SER A 20 31.91 15.21 -6.88
N ARG A 21 33.18 15.19 -6.47
CA ARG A 21 33.50 15.09 -5.05
C ARG A 21 32.59 16.03 -4.25
N VAL A 22 32.43 17.27 -4.70
CA VAL A 22 31.57 18.25 -4.01
C VAL A 22 30.11 17.80 -3.91
N VAL A 23 29.56 17.32 -5.03
CA VAL A 23 28.16 16.86 -5.10
C VAL A 23 27.89 15.58 -4.29
N ASN A 24 28.88 14.70 -4.27
CA ASN A 24 28.77 13.44 -3.56
C ASN A 24 29.46 13.55 -2.22
N GLY A 25 29.60 14.78 -1.74
CA GLY A 25 30.21 15.05 -0.45
C GLY A 25 31.44 14.25 -0.12
N ASN A 26 32.55 14.59 -0.78
CA ASN A 26 33.82 13.89 -0.55
C ASN A 26 34.69 14.79 0.35
N PRO A 27 35.56 14.17 1.18
CA PRO A 27 36.44 14.92 2.09
C PRO A 27 37.40 15.84 1.32
N ASN A 28 38.10 15.25 0.37
CA ASN A 28 39.10 15.91 -0.46
C ASN A 28 38.62 17.12 -1.24
N VAL A 29 38.38 18.23 -0.55
CA VAL A 29 37.95 19.47 -1.19
C VAL A 29 38.06 20.71 -0.32
N LYS A 30 38.98 21.59 -0.68
CA LYS A 30 39.20 22.84 0.05
C LYS A 30 37.84 23.49 0.35
N PRO A 31 37.58 23.77 1.63
CA PRO A 31 36.32 24.40 2.00
C PRO A 31 36.02 25.63 1.13
N THR A 32 37.08 26.24 0.59
CA THR A 32 36.92 27.42 -0.28
C THR A 32 36.39 26.95 -1.63
N THR A 33 36.93 25.82 -2.09
CA THR A 33 36.54 25.21 -3.35
C THR A 33 35.07 24.79 -3.20
N ARG A 34 34.82 23.86 -2.28
CA ARG A 34 33.48 23.36 -2.01
C ARG A 34 32.46 24.51 -2.00
N LYS A 35 32.87 25.63 -1.42
CA LYS A 35 32.03 26.81 -1.34
C LYS A 35 31.64 27.27 -2.74
N LYS A 36 32.64 27.69 -3.49
CA LYS A 36 32.50 28.20 -4.86
C LYS A 36 31.58 27.33 -5.73
N VAL A 37 31.97 26.08 -5.90
CA VAL A 37 31.21 25.13 -6.70
C VAL A 37 29.76 25.07 -6.19
N LEU A 38 29.57 25.02 -4.89
CA LEU A 38 28.25 24.97 -4.31
C LEU A 38 27.46 26.20 -4.73
N GLU A 39 28.17 27.33 -4.84
CA GLU A 39 27.58 28.62 -5.24
C GLU A 39 27.00 28.49 -6.64
N ALA A 40 27.85 28.02 -7.55
CA ALA A 40 27.51 27.83 -8.96
C ALA A 40 26.28 26.96 -9.11
N ILE A 41 26.26 25.85 -8.38
CA ILE A 41 25.13 24.93 -8.43
C ILE A 41 23.84 25.70 -8.21
N GLU A 42 23.80 26.45 -7.11
CA GLU A 42 22.61 27.24 -6.79
C GLU A 42 22.44 28.41 -7.77
N ARG A 43 23.49 28.71 -8.53
CA ARG A 43 23.44 29.82 -9.49
C ARG A 43 22.79 29.41 -10.80
N LEU A 44 22.91 28.13 -11.13
CA LEU A 44 22.34 27.60 -12.37
C LEU A 44 21.16 26.68 -12.10
N GLY A 45 20.95 26.34 -10.83
CA GLY A 45 19.87 25.45 -10.48
C GLY A 45 20.19 24.07 -10.99
N TYR A 46 21.34 23.55 -10.55
CA TYR A 46 21.80 22.23 -10.95
C TYR A 46 21.22 21.10 -10.12
N ARG A 47 20.66 20.12 -10.81
CA ARG A 47 20.06 18.95 -10.17
C ARG A 47 20.73 17.71 -10.81
N PRO A 48 21.58 17.02 -10.04
CA PRO A 48 22.29 15.83 -10.53
C PRO A 48 21.44 14.74 -11.13
N ASN A 49 21.92 14.21 -12.25
CA ASN A 49 21.24 13.15 -12.96
C ASN A 49 21.56 11.75 -12.43
N ALA A 50 20.62 11.21 -11.67
CA ALA A 50 20.76 9.90 -11.08
C ALA A 50 21.02 8.74 -12.05
N VAL A 51 20.48 8.83 -13.27
CA VAL A 51 20.69 7.72 -14.20
C VAL A 51 22.13 7.63 -14.65
N ALA A 52 22.70 8.77 -15.04
CA ALA A 52 24.09 8.83 -15.50
C ALA A 52 24.97 8.34 -14.34
N ARG A 53 24.59 8.75 -13.12
CA ARG A 53 25.30 8.37 -11.91
C ARG A 53 25.30 6.84 -11.86
N GLY A 54 24.14 6.26 -12.14
CA GLY A 54 23.98 4.82 -12.10
C GLY A 54 24.83 4.07 -13.10
N LEU A 55 24.97 4.64 -14.30
CA LEU A 55 25.75 4.00 -15.34
C LEU A 55 27.23 3.95 -14.96
N ALA A 56 27.73 5.08 -14.48
CA ALA A 56 29.12 5.21 -14.06
C ALA A 56 29.46 4.49 -12.77
N SER A 57 28.65 4.69 -11.72
CA SER A 57 28.92 4.04 -10.44
C SER A 57 28.59 2.56 -10.41
N LYS A 58 27.66 2.13 -11.25
CA LYS A 58 27.23 0.72 -11.32
C LYS A 58 26.28 0.40 -10.15
N LYS A 59 25.55 1.42 -9.65
CA LYS A 59 24.60 1.21 -8.56
C LYS A 59 23.57 2.34 -8.52
N THR A 60 22.30 1.94 -8.60
CA THR A 60 21.16 2.85 -8.67
C THR A 60 20.48 3.26 -7.37
N THR A 61 20.98 2.80 -6.23
CA THR A 61 20.37 3.12 -4.94
C THR A 61 18.84 2.97 -4.96
N THR A 62 18.38 1.87 -5.54
CA THR A 62 16.95 1.55 -5.58
C THR A 62 16.85 0.04 -5.51
N VAL A 63 15.84 -0.42 -4.77
CA VAL A 63 15.62 -1.85 -4.62
C VAL A 63 14.29 -2.20 -5.24
N GLY A 64 14.13 -3.49 -5.52
CA GLY A 64 12.90 -3.95 -6.10
C GLY A 64 12.03 -4.64 -5.07
N VAL A 65 10.79 -4.16 -4.95
CA VAL A 65 9.87 -4.76 -4.02
C VAL A 65 8.74 -5.46 -4.78
N ILE A 66 8.71 -6.78 -4.65
CA ILE A 66 7.69 -7.62 -5.29
C ILE A 66 6.73 -8.09 -4.20
N ILE A 67 5.50 -7.57 -4.28
CA ILE A 67 4.45 -7.83 -3.33
C ILE A 67 3.27 -8.39 -4.11
N PRO A 68 2.49 -9.31 -3.50
CA PRO A 68 1.33 -9.89 -4.22
C PRO A 68 0.18 -8.92 -4.43
N ASP A 69 -0.18 -8.15 -3.41
CA ASP A 69 -1.27 -7.17 -3.52
C ASP A 69 -1.20 -6.04 -2.49
N ILE A 70 -0.78 -4.86 -2.96
CA ILE A 70 -0.62 -3.70 -2.12
C ILE A 70 -1.92 -3.15 -1.52
N SER A 71 -3.07 -3.55 -2.04
CA SER A 71 -4.31 -3.04 -1.49
C SER A 71 -4.68 -3.77 -0.21
N SER A 72 -3.91 -4.83 0.09
CA SER A 72 -4.13 -5.62 1.30
C SER A 72 -3.86 -4.85 2.60
N ILE A 73 -4.73 -5.06 3.56
CA ILE A 73 -4.55 -4.37 4.82
C ILE A 73 -3.24 -4.92 5.41
N PHE A 74 -2.84 -6.09 4.94
CA PHE A 74 -1.63 -6.74 5.45
C PHE A 74 -0.33 -6.30 4.80
N TYR A 75 -0.25 -6.47 3.49
CA TYR A 75 0.95 -6.09 2.78
C TYR A 75 1.19 -4.59 2.86
N SER A 76 0.14 -3.78 2.74
CA SER A 76 0.30 -2.34 2.85
C SER A 76 1.22 -2.03 4.04
N GLU A 77 0.84 -2.50 5.21
CA GLU A 77 1.60 -2.31 6.44
C GLU A 77 2.99 -2.91 6.29
N LEU A 78 3.05 -4.09 5.68
CA LEU A 78 4.32 -4.80 5.48
C LEU A 78 5.24 -3.95 4.63
N ALA A 79 4.66 -3.27 3.65
CA ALA A 79 5.43 -2.43 2.75
C ALA A 79 5.92 -1.20 3.51
N ARG A 80 5.02 -0.50 4.20
CA ARG A 80 5.40 0.69 4.96
C ARG A 80 6.67 0.48 5.78
N GLY A 81 6.85 -0.72 6.33
CA GLY A 81 8.06 -1.02 7.09
C GLY A 81 9.29 -0.99 6.18
N ILE A 82 9.14 -1.65 5.04
CA ILE A 82 10.21 -1.69 4.06
C ILE A 82 10.54 -0.29 3.54
N GLU A 83 9.51 0.47 3.16
CA GLU A 83 9.73 1.81 2.62
C GLU A 83 10.49 2.70 3.61
N ASP A 84 10.08 2.68 4.86
CA ASP A 84 10.74 3.51 5.85
C ASP A 84 12.22 3.22 6.01
N ILE A 85 12.56 1.96 6.27
CA ILE A 85 13.95 1.58 6.44
C ILE A 85 14.77 1.83 5.19
N ALA A 86 14.12 1.87 4.03
CA ALA A 86 14.83 2.14 2.79
C ALA A 86 15.19 3.62 2.80
N THR A 87 14.20 4.47 3.05
CA THR A 87 14.42 5.91 3.08
C THR A 87 15.41 6.27 4.19
N MET A 88 15.47 5.43 5.21
CA MET A 88 16.39 5.66 6.31
C MET A 88 17.82 5.50 5.82
N TYR A 89 18.01 4.54 4.91
CA TYR A 89 19.32 4.25 4.34
C TYR A 89 19.48 4.79 2.93
N LYS A 90 18.73 5.85 2.63
CA LYS A 90 18.77 6.53 1.33
C LYS A 90 18.53 5.61 0.13
N TYR A 91 17.42 4.89 0.13
CA TYR A 91 17.13 3.99 -0.98
C TYR A 91 15.71 4.18 -1.50
N ASN A 92 15.55 4.15 -2.80
CA ASN A 92 14.23 4.26 -3.38
C ASN A 92 13.70 2.85 -3.64
N ILE A 93 12.38 2.76 -3.82
CA ILE A 93 11.73 1.48 -4.04
C ILE A 93 10.94 1.41 -5.34
N ILE A 94 11.01 0.26 -5.99
CA ILE A 94 10.22 0.03 -7.20
C ILE A 94 9.18 -0.98 -6.75
N LEU A 95 7.92 -0.54 -6.70
CA LEU A 95 6.83 -1.40 -6.26
C LEU A 95 6.11 -2.02 -7.45
N SER A 96 5.59 -3.23 -7.24
CA SER A 96 4.88 -3.96 -8.29
C SER A 96 4.18 -5.18 -7.71
N ASN A 97 2.93 -5.37 -8.12
CA ASN A 97 2.11 -6.48 -7.64
C ASN A 97 2.26 -7.77 -8.47
N SER A 98 2.21 -8.91 -7.80
CA SER A 98 2.36 -10.18 -8.50
C SER A 98 1.09 -11.01 -8.45
N ASP A 99 0.21 -10.66 -7.52
CA ASP A 99 -1.03 -11.40 -7.36
C ASP A 99 -0.76 -12.89 -7.36
N GLN A 100 0.34 -13.29 -6.72
CA GLN A 100 0.69 -14.70 -6.64
C GLN A 100 0.86 -15.45 -7.96
N ASN A 101 0.86 -14.73 -9.10
CA ASN A 101 1.03 -15.36 -10.42
C ASN A 101 2.49 -15.71 -10.72
N MET A 102 2.87 -16.99 -10.59
CA MET A 102 4.28 -17.35 -10.82
C MET A 102 4.92 -16.77 -12.08
N GLU A 103 4.12 -16.60 -13.12
CA GLU A 103 4.63 -16.05 -14.35
C GLU A 103 4.98 -14.58 -14.11
N LYS A 104 4.01 -13.82 -13.61
CA LYS A 104 4.23 -12.38 -13.33
C LYS A 104 5.35 -12.19 -12.30
N GLU A 105 5.43 -13.10 -11.34
CA GLU A 105 6.47 -13.01 -10.32
C GLU A 105 7.81 -13.04 -11.00
N LEU A 106 8.21 -14.22 -11.48
CA LEU A 106 9.49 -14.42 -12.17
C LEU A 106 9.75 -13.40 -13.27
N HIS A 107 8.68 -12.86 -13.85
CA HIS A 107 8.82 -11.84 -14.89
C HIS A 107 9.42 -10.60 -14.20
N LEU A 108 8.64 -10.00 -13.31
CA LEU A 108 9.05 -8.82 -12.53
C LEU A 108 10.50 -8.92 -12.08
N LEU A 109 10.85 -10.09 -11.54
CA LEU A 109 12.20 -10.32 -11.06
C LEU A 109 13.19 -9.92 -12.12
N ASN A 110 12.89 -10.26 -13.37
CA ASN A 110 13.78 -9.92 -14.48
C ASN A 110 13.66 -8.43 -14.76
N THR A 111 12.48 -7.98 -15.18
CA THR A 111 12.28 -6.56 -15.45
C THR A 111 13.10 -5.72 -14.49
N MET A 112 12.97 -6.02 -13.19
CA MET A 112 13.67 -5.29 -12.13
C MET A 112 15.18 -5.33 -12.26
N LEU A 113 15.76 -6.52 -12.19
CA LEU A 113 17.20 -6.66 -12.37
C LEU A 113 17.60 -5.88 -13.65
N GLY A 114 16.65 -5.71 -14.55
CA GLY A 114 16.92 -5.02 -15.79
C GLY A 114 17.14 -3.55 -15.53
N LYS A 115 16.31 -3.01 -14.63
CA LYS A 115 16.34 -1.63 -14.20
C LYS A 115 17.61 -1.40 -13.37
N GLN A 116 18.34 -2.48 -13.11
CA GLN A 116 19.60 -2.45 -12.37
C GLN A 116 19.49 -2.14 -10.88
N VAL A 117 18.46 -2.67 -10.25
CA VAL A 117 18.27 -2.43 -8.81
C VAL A 117 19.41 -3.06 -8.02
N ASP A 118 19.68 -2.49 -6.84
CA ASP A 118 20.77 -2.95 -5.96
C ASP A 118 20.38 -4.14 -5.12
N GLY A 119 19.08 -4.35 -4.97
CA GLY A 119 18.58 -5.46 -4.19
C GLY A 119 17.08 -5.64 -4.38
N ILE A 120 16.53 -6.70 -3.81
CA ILE A 120 15.11 -6.95 -3.94
C ILE A 120 14.54 -7.62 -2.69
N VAL A 121 13.34 -7.20 -2.30
CA VAL A 121 12.64 -7.78 -1.16
C VAL A 121 11.48 -8.49 -1.85
N PHE A 122 11.31 -9.77 -1.54
CA PHE A 122 10.28 -10.56 -2.18
C PHE A 122 9.23 -11.12 -1.25
N MET A 123 7.96 -10.88 -1.57
CA MET A 123 6.87 -11.40 -0.75
C MET A 123 5.94 -12.22 -1.62
N GLY A 124 6.05 -13.55 -1.52
CA GLY A 124 5.20 -14.43 -2.31
C GLY A 124 4.61 -15.56 -1.49
N GLY A 125 3.51 -16.12 -1.96
CA GLY A 125 2.86 -17.20 -1.24
C GLY A 125 3.26 -18.62 -1.64
N ASN A 126 3.96 -18.78 -2.77
CA ASN A 126 4.35 -20.10 -3.25
C ASN A 126 5.77 -20.12 -3.83
N ILE A 127 6.77 -20.18 -2.97
CA ILE A 127 8.15 -20.20 -3.46
C ILE A 127 8.60 -21.59 -3.93
N THR A 128 8.54 -21.81 -5.24
CA THR A 128 8.95 -23.08 -5.85
C THR A 128 10.47 -23.25 -5.86
N ASP A 129 10.94 -24.44 -6.25
CA ASP A 129 12.38 -24.72 -6.33
C ASP A 129 12.98 -23.91 -7.48
N GLU A 130 12.12 -23.55 -8.43
CA GLU A 130 12.54 -22.75 -9.58
C GLU A 130 12.76 -21.35 -9.06
N HIS A 131 11.86 -20.88 -8.22
CA HIS A 131 11.99 -19.55 -7.63
C HIS A 131 13.36 -19.48 -6.97
N VAL A 132 13.63 -20.44 -6.10
CA VAL A 132 14.90 -20.47 -5.38
C VAL A 132 16.04 -20.43 -6.39
N ALA A 133 15.88 -21.22 -7.46
CA ALA A 133 16.87 -21.30 -8.52
C ALA A 133 17.16 -19.89 -9.05
N GLU A 134 16.10 -19.20 -9.43
CA GLU A 134 16.18 -17.84 -9.97
C GLU A 134 16.80 -16.85 -8.96
N PHE A 135 16.56 -17.09 -7.68
CA PHE A 135 17.09 -16.23 -6.63
C PHE A 135 18.58 -16.46 -6.42
N LYS A 136 19.08 -17.64 -6.79
CA LYS A 136 20.50 -17.96 -6.62
C LYS A 136 21.40 -17.32 -7.68
N ARG A 137 20.90 -17.19 -8.89
CA ARG A 137 21.67 -16.58 -9.97
C ARG A 137 21.27 -15.14 -10.18
N SER A 138 21.20 -14.39 -9.08
CA SER A 138 20.87 -12.98 -9.17
C SER A 138 22.11 -12.19 -8.76
N PRO A 139 22.50 -11.21 -9.58
CA PRO A 139 23.66 -10.35 -9.37
C PRO A 139 23.54 -9.52 -8.10
N VAL A 140 22.31 -9.37 -7.60
CA VAL A 140 22.06 -8.60 -6.40
C VAL A 140 21.38 -9.50 -5.36
N PRO A 141 21.52 -9.16 -4.06
CA PRO A 141 20.93 -9.90 -2.95
C PRO A 141 19.41 -9.92 -2.99
N ILE A 142 18.83 -11.02 -2.52
CA ILE A 142 17.39 -11.13 -2.46
C ILE A 142 16.98 -11.56 -1.07
N VAL A 143 16.06 -10.82 -0.48
CA VAL A 143 15.57 -11.11 0.87
C VAL A 143 14.06 -11.32 0.89
N LEU A 144 13.65 -12.42 1.50
CA LEU A 144 12.24 -12.75 1.62
C LEU A 144 11.61 -12.07 2.86
N ALA A 145 10.33 -11.72 2.74
CA ALA A 145 9.62 -11.08 3.84
C ALA A 145 8.27 -11.78 4.07
N ALA A 146 8.03 -12.17 5.32
CA ALA A 146 6.79 -12.84 5.71
C ALA A 146 6.37 -13.86 4.67
N SER A 147 7.30 -14.70 4.28
CA SER A 147 6.98 -15.73 3.32
C SER A 147 7.65 -17.00 3.79
N VAL A 148 7.30 -18.11 3.15
CA VAL A 148 7.84 -19.40 3.55
C VAL A 148 8.58 -20.09 2.41
N GLU A 149 9.78 -20.55 2.71
CA GLU A 149 10.57 -21.24 1.71
C GLU A 149 11.05 -22.55 2.30
N GLU A 150 10.43 -23.66 1.87
CA GLU A 150 10.77 -25.00 2.36
C GLU A 150 12.28 -25.23 2.34
N GLN A 151 12.87 -25.11 1.16
CA GLN A 151 14.30 -25.29 0.97
C GLN A 151 15.13 -24.42 1.93
N GLU A 152 14.54 -23.34 2.41
CA GLU A 152 15.19 -22.41 3.33
C GLU A 152 16.67 -22.17 3.12
N GLU A 153 17.03 -21.67 1.94
CA GLU A 153 18.42 -21.37 1.64
C GLU A 153 18.58 -19.89 1.23
N THR A 154 17.47 -19.26 0.87
CA THR A 154 17.47 -17.84 0.52
C THR A 154 17.20 -17.09 1.80
N PRO A 155 17.94 -16.00 2.06
CA PRO A 155 17.71 -15.22 3.29
C PRO A 155 16.30 -14.64 3.40
N SER A 156 15.77 -14.64 4.62
CA SER A 156 14.43 -14.11 4.86
C SER A 156 14.17 -13.72 6.30
N VAL A 157 13.11 -12.96 6.50
CA VAL A 157 12.69 -12.51 7.82
C VAL A 157 11.22 -12.83 7.99
N ALA A 158 10.85 -13.40 9.13
CA ALA A 158 9.46 -13.74 9.42
C ALA A 158 9.32 -14.32 10.82
N ILE A 159 8.15 -14.89 11.12
CA ILE A 159 7.93 -15.53 12.43
C ILE A 159 7.79 -17.02 12.21
N ASP A 160 7.54 -17.76 13.28
CA ASP A 160 7.37 -19.18 13.15
C ASP A 160 5.87 -19.48 13.13
N TYR A 161 5.28 -19.41 11.94
CA TYR A 161 3.86 -19.65 11.78
C TYR A 161 3.44 -21.00 12.36
N GLU A 162 4.38 -21.93 12.43
CA GLU A 162 4.06 -23.23 12.99
C GLU A 162 3.80 -23.04 14.48
N GLN A 163 4.74 -22.41 15.18
CA GLN A 163 4.57 -22.21 16.62
C GLN A 163 3.45 -21.27 17.00
N ALA A 164 3.20 -20.26 16.18
CA ALA A 164 2.14 -19.30 16.48
C ALA A 164 0.84 -20.08 16.68
N ILE A 165 0.37 -20.77 15.65
CA ILE A 165 -0.87 -21.54 15.77
C ILE A 165 -0.86 -22.45 17.01
N TYR A 166 0.17 -23.29 17.13
CA TYR A 166 0.29 -24.19 18.27
C TYR A 166 -0.05 -23.45 19.57
N ASP A 167 0.59 -22.32 19.80
CA ASP A 167 0.30 -21.57 21.02
C ASP A 167 -1.18 -21.26 21.10
N ALA A 168 -1.70 -20.55 20.11
CA ALA A 168 -3.11 -20.19 20.10
C ALA A 168 -3.98 -21.41 20.38
N VAL A 169 -3.62 -22.53 19.75
CA VAL A 169 -4.39 -23.75 19.93
C VAL A 169 -4.26 -24.29 21.35
N LYS A 170 -3.02 -24.44 21.83
CA LYS A 170 -2.77 -24.94 23.19
C LYS A 170 -3.45 -24.03 24.20
N LEU A 171 -3.45 -22.73 23.91
CA LEU A 171 -4.07 -21.78 24.80
C LEU A 171 -5.54 -22.16 24.97
N LEU A 172 -6.25 -22.39 23.88
CA LEU A 172 -7.67 -22.77 23.95
C LEU A 172 -7.86 -24.08 24.70
N VAL A 173 -6.91 -24.99 24.53
CA VAL A 173 -7.03 -26.25 25.24
C VAL A 173 -6.92 -25.94 26.73
N ASP A 174 -5.89 -25.18 27.11
CA ASP A 174 -5.68 -24.80 28.50
C ASP A 174 -6.83 -23.94 29.09
N LYS A 175 -8.00 -23.96 28.45
CA LYS A 175 -9.15 -23.20 28.94
C LYS A 175 -10.36 -24.13 28.88
N GLY A 176 -10.07 -25.42 28.68
CA GLY A 176 -11.13 -26.41 28.64
C GLY A 176 -11.82 -26.64 27.31
N HIS A 177 -11.15 -26.35 26.21
CA HIS A 177 -11.76 -26.57 24.91
C HIS A 177 -11.33 -27.94 24.41
N THR A 178 -12.22 -28.62 23.68
CA THR A 178 -11.90 -29.95 23.16
C THR A 178 -12.13 -30.07 21.68
N ASP A 179 -13.00 -29.21 21.16
CA ASP A 179 -13.26 -29.24 19.74
C ASP A 179 -12.98 -27.85 19.16
N ILE A 180 -11.72 -27.66 18.77
CA ILE A 180 -11.24 -26.40 18.22
C ILE A 180 -11.21 -26.47 16.70
N ALA A 181 -11.77 -25.46 16.05
CA ALA A 181 -11.79 -25.42 14.59
C ALA A 181 -10.71 -24.48 14.07
N PHE A 182 -10.10 -24.87 12.95
CA PHE A 182 -9.04 -24.07 12.34
C PHE A 182 -9.44 -23.57 10.95
N VAL A 183 -9.79 -22.28 10.85
CA VAL A 183 -10.15 -21.71 9.56
C VAL A 183 -8.88 -21.22 8.88
N SER A 184 -8.42 -21.96 7.89
CA SER A 184 -7.18 -21.60 7.19
C SER A 184 -7.37 -20.82 5.91
N GLY A 185 -6.28 -20.71 5.16
CA GLY A 185 -6.31 -20.03 3.89
C GLY A 185 -5.97 -21.07 2.84
N PRO A 186 -5.83 -20.68 1.57
CA PRO A 186 -5.50 -21.63 0.50
C PRO A 186 -4.39 -22.62 0.85
N MET A 187 -4.72 -23.91 0.84
CA MET A 187 -3.76 -24.97 1.17
C MET A 187 -2.67 -25.10 0.11
N ALA A 188 -2.88 -24.43 -1.02
CA ALA A 188 -1.89 -24.46 -2.08
C ALA A 188 -0.61 -23.82 -1.54
N GLU A 189 -0.76 -22.76 -0.74
CA GLU A 189 0.38 -22.06 -0.16
C GLU A 189 0.93 -22.85 1.03
N PRO A 190 2.21 -23.22 0.99
CA PRO A 190 2.84 -23.99 2.08
C PRO A 190 2.64 -23.45 3.49
N ILE A 191 2.59 -22.12 3.60
CA ILE A 191 2.40 -21.48 4.89
C ILE A 191 1.14 -21.96 5.62
N ASN A 192 0.13 -22.40 4.85
CA ASN A 192 -1.12 -22.90 5.40
C ASN A 192 -1.18 -24.41 5.59
N ARG A 193 -0.63 -25.16 4.64
CA ARG A 193 -0.65 -26.63 4.73
C ARG A 193 0.58 -27.20 5.41
N SER A 194 1.72 -26.54 5.26
CA SER A 194 2.95 -27.05 5.86
C SER A 194 3.31 -26.37 7.16
N LYS A 195 2.80 -25.17 7.37
CA LYS A 195 3.10 -24.43 8.60
C LYS A 195 1.96 -24.33 9.63
N LYS A 196 0.97 -23.48 9.35
CA LYS A 196 -0.13 -23.29 10.29
C LYS A 196 -0.91 -24.55 10.59
N LEU A 197 -1.21 -25.34 9.55
CA LEU A 197 -1.96 -26.57 9.72
C LEU A 197 -1.25 -27.54 10.65
N GLN A 198 0.01 -27.80 10.37
CA GLN A 198 0.76 -28.73 11.19
C GLN A 198 0.83 -28.28 12.64
N GLY A 199 1.03 -26.98 12.85
CA GLY A 199 1.09 -26.46 14.21
C GLY A 199 -0.23 -26.72 14.91
N TYR A 200 -1.33 -26.61 14.16
CA TYR A 200 -2.65 -26.86 14.72
C TYR A 200 -2.86 -28.33 15.12
N LYS A 201 -2.31 -29.25 14.33
CA LYS A 201 -2.43 -30.67 14.61
C LYS A 201 -1.46 -31.09 15.71
N ARG A 202 -0.28 -30.49 15.72
CA ARG A 202 0.72 -30.84 16.72
C ARG A 202 0.26 -30.40 18.09
N ALA A 203 -0.69 -29.47 18.12
CA ALA A 203 -1.21 -28.97 19.38
C ALA A 203 -2.19 -29.96 19.98
N LEU A 204 -3.17 -30.35 19.16
CA LEU A 204 -4.19 -31.31 19.57
C LEU A 204 -3.53 -32.64 19.89
N GLU A 205 -2.56 -33.02 19.06
CA GLU A 205 -1.88 -34.28 19.26
C GLU A 205 -1.19 -34.31 20.63
N GLU A 206 -0.61 -33.19 21.03
CA GLU A 206 0.07 -33.13 22.32
C GLU A 206 -0.91 -33.01 23.47
N ALA A 207 -2.16 -32.73 23.12
CA ALA A 207 -3.24 -32.61 24.08
C ALA A 207 -4.06 -33.92 24.00
N ASN A 208 -3.57 -34.84 23.16
CA ASN A 208 -4.21 -36.13 22.96
C ASN A 208 -5.65 -36.03 22.45
N LEU A 209 -5.93 -34.96 21.71
CA LEU A 209 -7.26 -34.78 21.17
C LEU A 209 -7.23 -35.20 19.69
N PRO A 210 -8.19 -36.04 19.30
CA PRO A 210 -8.29 -36.55 17.93
C PRO A 210 -8.44 -35.47 16.85
N PHE A 211 -7.81 -35.71 15.70
CA PHE A 211 -7.87 -34.78 14.61
C PHE A 211 -9.15 -34.98 13.82
N ASN A 212 -9.98 -33.95 13.77
CA ASN A 212 -11.25 -34.03 13.05
C ASN A 212 -11.29 -33.12 11.82
N GLU A 213 -11.16 -33.72 10.63
CA GLU A 213 -11.19 -32.99 9.36
C GLU A 213 -12.29 -31.93 9.26
N GLN A 214 -13.48 -32.28 9.73
CA GLN A 214 -14.61 -31.35 9.67
C GLN A 214 -14.25 -30.02 10.30
N PHE A 215 -13.46 -30.08 11.36
CA PHE A 215 -13.04 -28.88 12.08
C PHE A 215 -12.00 -28.07 11.33
N VAL A 216 -11.80 -28.40 10.06
CA VAL A 216 -10.83 -27.68 9.22
C VAL A 216 -11.47 -27.07 7.98
N ALA A 217 -11.66 -25.76 8.02
CA ALA A 217 -12.27 -25.03 6.91
C ALA A 217 -11.18 -24.31 6.14
N GLU A 218 -11.41 -24.14 4.84
CA GLU A 218 -10.46 -23.48 3.97
C GLU A 218 -11.06 -22.20 3.42
N GLY A 219 -10.52 -21.07 3.86
CA GLY A 219 -11.01 -19.80 3.38
C GLY A 219 -10.09 -19.32 2.28
N ASP A 220 -10.18 -18.03 1.94
CA ASP A 220 -9.34 -17.47 0.90
C ASP A 220 -8.88 -16.06 1.31
N TYR A 221 -8.56 -15.90 2.59
CA TYR A 221 -8.09 -14.62 3.14
C TYR A 221 -9.18 -13.56 3.08
N THR A 222 -10.26 -13.85 2.36
CA THR A 222 -11.36 -12.90 2.20
C THR A 222 -12.44 -12.93 3.28
N TYR A 223 -12.82 -11.74 3.73
CA TYR A 223 -13.85 -11.58 4.75
C TYR A 223 -15.06 -12.47 4.45
N ASP A 224 -15.54 -12.45 3.22
CA ASP A 224 -16.68 -13.27 2.89
C ASP A 224 -16.44 -14.73 3.21
N SER A 225 -15.26 -15.24 2.88
CA SER A 225 -14.96 -16.64 3.15
C SER A 225 -15.00 -16.90 4.65
N GLY A 226 -14.90 -15.83 5.44
CA GLY A 226 -14.95 -15.96 6.89
C GLY A 226 -16.36 -16.26 7.39
N LEU A 227 -17.36 -15.86 6.61
CA LEU A 227 -18.75 -16.10 6.96
C LEU A 227 -19.12 -17.52 6.56
N GLU A 228 -18.77 -17.89 5.33
CA GLU A 228 -19.06 -19.22 4.82
C GLU A 228 -18.37 -20.25 5.69
N ALA A 229 -17.37 -19.79 6.45
CA ALA A 229 -16.60 -20.66 7.31
C ALA A 229 -17.37 -21.00 8.57
N LEU A 230 -17.90 -19.95 9.21
CA LEU A 230 -18.66 -20.12 10.43
C LEU A 230 -19.89 -20.95 10.16
N GLN A 231 -20.47 -20.74 9.00
CA GLN A 231 -21.66 -21.47 8.63
C GLN A 231 -21.34 -22.96 8.56
N HIS A 232 -20.46 -23.36 7.64
CA HIS A 232 -20.11 -24.76 7.48
C HIS A 232 -19.65 -25.42 8.78
N LEU A 233 -19.40 -24.62 9.82
CA LEU A 233 -18.97 -25.17 11.10
C LEU A 233 -20.14 -25.34 12.06
N MET A 234 -20.97 -24.31 12.16
CA MET A 234 -22.14 -24.35 13.02
C MET A 234 -23.25 -25.01 12.21
N SER A 235 -22.83 -25.83 11.27
CA SER A 235 -23.75 -26.56 10.41
C SER A 235 -23.53 -28.06 10.60
N LEU A 236 -22.40 -28.42 11.19
CA LEU A 236 -22.07 -29.83 11.41
C LEU A 236 -22.78 -30.44 12.62
N ASP A 237 -22.99 -31.76 12.56
CA ASP A 237 -23.62 -32.47 13.67
C ASP A 237 -22.82 -32.06 14.90
N LYS A 238 -21.54 -32.42 14.91
CA LYS A 238 -20.64 -32.07 16.03
C LYS A 238 -19.99 -30.70 15.72
N LYS A 239 -20.48 -29.66 16.39
CA LYS A 239 -19.98 -28.29 16.21
C LYS A 239 -18.84 -27.94 17.19
N PRO A 240 -17.94 -27.02 16.79
CA PRO A 240 -16.80 -26.58 17.63
C PRO A 240 -17.22 -25.66 18.78
N THR A 241 -16.33 -25.52 19.76
CA THR A 241 -16.60 -24.67 20.93
C THR A 241 -15.81 -23.37 20.81
N ALA A 242 -14.78 -23.42 19.97
CA ALA A 242 -13.87 -22.31 19.68
C ALA A 242 -13.25 -22.50 18.28
N ILE A 243 -13.05 -21.38 17.57
CA ILE A 243 -12.48 -21.40 16.23
C ILE A 243 -11.26 -20.47 16.11
N LEU A 244 -10.19 -20.98 15.52
CA LEU A 244 -8.98 -20.19 15.31
C LEU A 244 -8.95 -19.84 13.82
N SER A 245 -8.55 -18.61 13.54
CA SER A 245 -8.50 -18.13 12.17
C SER A 245 -7.05 -17.84 11.80
N ALA A 246 -6.69 -18.05 10.54
CA ALA A 246 -5.33 -17.80 10.10
C ALA A 246 -5.12 -16.33 9.69
N THR A 247 -6.22 -15.58 9.58
CA THR A 247 -6.15 -14.18 9.19
C THR A 247 -7.19 -13.35 9.96
N ASP A 248 -6.85 -12.10 10.27
CA ASP A 248 -7.78 -11.22 10.97
C ASP A 248 -9.06 -10.96 10.17
N GLU A 249 -8.94 -10.71 8.87
CA GLU A 249 -10.13 -10.45 8.06
C GLU A 249 -11.10 -11.62 8.15
N MET A 250 -10.61 -12.82 7.87
CA MET A 250 -11.48 -13.99 7.96
C MET A 250 -12.08 -14.09 9.35
N ALA A 251 -11.23 -14.06 10.38
CA ALA A 251 -11.71 -14.16 11.75
C ALA A 251 -12.74 -13.06 11.98
N LEU A 252 -12.40 -11.84 11.61
CA LEU A 252 -13.30 -10.72 11.78
C LEU A 252 -14.64 -11.02 11.11
N GLY A 253 -14.62 -11.95 10.15
CA GLY A 253 -15.84 -12.32 9.44
C GLY A 253 -16.57 -13.45 10.14
N ILE A 254 -15.82 -14.29 10.86
CA ILE A 254 -16.37 -15.41 11.62
C ILE A 254 -17.31 -14.77 12.64
N ILE A 255 -16.79 -13.76 13.35
CA ILE A 255 -17.56 -13.03 14.36
C ILE A 255 -18.94 -12.71 13.82
N HIS A 256 -18.99 -11.78 12.89
CA HIS A 256 -20.24 -11.32 12.30
C HIS A 256 -21.16 -12.46 11.81
N ALA A 257 -20.58 -13.47 11.15
CA ALA A 257 -21.37 -14.59 10.66
C ALA A 257 -22.21 -15.15 11.80
N ALA A 258 -21.55 -15.35 12.95
CA ALA A 258 -22.19 -15.87 14.15
C ALA A 258 -23.11 -14.83 14.78
N GLN A 259 -22.74 -13.56 14.68
CA GLN A 259 -23.58 -12.51 15.26
C GLN A 259 -24.89 -12.36 14.52
N ASP A 260 -24.95 -12.93 13.33
CA ASP A 260 -26.18 -12.86 12.54
C ASP A 260 -27.08 -14.03 12.94
N GLN A 261 -26.49 -15.18 13.17
CA GLN A 261 -27.25 -16.37 13.58
C GLN A 261 -27.59 -16.35 15.07
N GLY A 262 -27.77 -15.16 15.62
CA GLY A 262 -28.10 -15.05 17.03
C GLY A 262 -27.05 -15.48 18.03
N LEU A 263 -25.94 -16.04 17.56
CA LEU A 263 -24.86 -16.46 18.44
C LEU A 263 -24.16 -15.23 19.01
N SER A 264 -23.86 -15.27 20.30
CA SER A 264 -23.19 -14.14 20.90
C SER A 264 -21.76 -14.47 21.30
N ILE A 265 -20.83 -13.61 20.90
CA ILE A 265 -19.44 -13.81 21.24
C ILE A 265 -19.05 -12.82 22.33
N PRO A 266 -18.18 -13.24 23.26
CA PRO A 266 -17.56 -14.56 23.32
C PRO A 266 -18.35 -15.51 24.23
N GLU A 267 -19.58 -15.13 24.54
CA GLU A 267 -20.45 -15.91 25.43
C GLU A 267 -20.82 -17.30 24.91
N ASP A 268 -21.08 -17.42 23.61
CA ASP A 268 -21.48 -18.69 23.02
C ASP A 268 -20.39 -19.32 22.17
N LEU A 269 -19.29 -18.60 21.99
CA LEU A 269 -18.21 -19.12 21.15
C LEU A 269 -16.92 -18.32 21.29
N ASP A 270 -15.80 -19.02 21.34
CA ASP A 270 -14.50 -18.39 21.46
C ASP A 270 -13.85 -18.16 20.09
N ILE A 271 -13.38 -16.93 19.84
CA ILE A 271 -12.75 -16.57 18.58
C ILE A 271 -11.34 -15.99 18.73
N ILE A 272 -10.44 -16.40 17.83
CA ILE A 272 -9.08 -15.89 17.82
C ILE A 272 -8.61 -15.62 16.39
N GLY A 273 -8.06 -14.44 16.19
CA GLY A 273 -7.55 -14.07 14.87
C GLY A 273 -6.04 -14.14 14.80
N PHE A 274 -5.49 -13.83 13.63
CA PHE A 274 -4.05 -13.89 13.40
C PHE A 274 -3.60 -12.67 12.56
N ASP A 275 -2.49 -12.06 12.99
CA ASP A 275 -1.85 -10.89 12.37
C ASP A 275 -1.80 -9.67 13.30
N ASN A 276 -2.95 -9.34 13.90
CA ASN A 276 -3.07 -8.20 14.80
C ASN A 276 -3.04 -6.86 14.07
N THR A 277 -3.75 -6.80 12.95
CA THR A 277 -3.84 -5.58 12.16
C THR A 277 -4.80 -4.64 12.86
N ARG A 278 -4.68 -3.34 12.60
CA ARG A 278 -5.58 -2.38 13.23
C ARG A 278 -7.00 -2.97 13.23
N LEU A 279 -7.32 -3.71 12.19
CA LEU A 279 -8.63 -4.33 12.07
C LEU A 279 -9.18 -4.84 13.40
N SER A 280 -8.44 -5.74 14.05
CA SER A 280 -8.81 -6.31 15.35
C SER A 280 -9.48 -5.36 16.33
N LEU A 281 -8.97 -4.14 16.43
CA LEU A 281 -9.49 -3.13 17.34
C LEU A 281 -10.77 -2.49 16.81
N MET A 282 -11.04 -2.69 15.53
CA MET A 282 -12.21 -2.10 14.90
C MET A 282 -13.33 -3.10 14.81
N VAL A 283 -13.31 -4.07 15.71
CA VAL A 283 -14.37 -5.05 15.70
C VAL A 283 -15.05 -4.90 17.05
N ARG A 284 -16.19 -5.55 17.17
CA ARG A 284 -16.96 -5.49 18.39
C ARG A 284 -17.64 -6.84 18.51
N PRO A 285 -17.28 -7.61 19.55
CA PRO A 285 -16.29 -7.25 20.57
C PRO A 285 -14.86 -7.23 20.02
N GLN A 286 -13.93 -6.66 20.75
CA GLN A 286 -12.54 -6.60 20.30
C GLN A 286 -12.14 -8.05 20.01
N LEU A 287 -11.16 -8.22 19.13
CA LEU A 287 -10.73 -9.53 18.72
C LEU A 287 -9.42 -9.94 19.33
N SER A 288 -9.35 -11.17 19.84
CA SER A 288 -8.13 -11.68 20.42
C SER A 288 -7.31 -12.20 19.24
N THR A 289 -6.10 -11.67 19.07
CA THR A 289 -5.25 -12.06 17.96
C THR A 289 -3.84 -12.46 18.30
N VAL A 290 -3.27 -13.27 17.41
CA VAL A 290 -1.89 -13.70 17.51
C VAL A 290 -1.12 -12.51 16.94
N VAL A 291 -0.24 -11.93 17.75
CA VAL A 291 0.53 -10.78 17.26
C VAL A 291 1.75 -11.14 16.43
N GLN A 292 1.75 -10.62 15.20
CA GLN A 292 2.83 -10.78 14.26
C GLN A 292 3.26 -9.35 13.93
N PRO A 293 4.51 -9.01 14.22
CA PRO A 293 5.10 -7.69 14.00
C PRO A 293 5.27 -7.44 12.50
N THR A 294 4.18 -7.20 11.80
CA THR A 294 4.25 -7.01 10.37
C THR A 294 5.23 -5.92 9.95
N TYR A 295 4.96 -4.69 10.37
CA TYR A 295 5.85 -3.57 10.05
C TYR A 295 7.32 -3.90 10.33
N ASP A 296 7.54 -4.59 11.44
CA ASP A 296 8.89 -4.99 11.83
C ASP A 296 9.45 -5.97 10.80
N ILE A 297 8.64 -6.95 10.43
CA ILE A 297 9.04 -7.93 9.42
C ILE A 297 9.55 -7.22 8.18
N GLY A 298 8.81 -6.21 7.73
CA GLY A 298 9.24 -5.46 6.57
C GLY A 298 10.51 -4.68 6.83
N ALA A 299 10.55 -3.97 7.95
CA ALA A 299 11.71 -3.15 8.29
C ALA A 299 12.98 -3.97 8.47
N VAL A 300 12.89 -5.07 9.21
CA VAL A 300 14.08 -5.89 9.42
C VAL A 300 14.50 -6.53 8.11
N ALA A 301 13.54 -6.76 7.23
CA ALA A 301 13.81 -7.37 5.92
C ALA A 301 14.61 -6.40 5.08
N MET A 302 14.12 -5.16 4.97
CA MET A 302 14.82 -4.13 4.21
C MET A 302 16.19 -3.85 4.87
N ARG A 303 16.24 -3.87 6.21
CA ARG A 303 17.50 -3.64 6.89
C ARG A 303 18.50 -4.74 6.53
N LEU A 304 18.04 -5.98 6.57
CA LEU A 304 18.92 -7.09 6.25
C LEU A 304 19.51 -6.87 4.84
N LEU A 305 18.67 -6.39 3.92
CA LEU A 305 19.11 -6.16 2.56
C LEU A 305 20.23 -5.14 2.48
N THR A 306 20.05 -3.99 3.13
CA THR A 306 21.09 -2.97 3.12
C THR A 306 22.43 -3.61 3.51
N LYS A 307 22.40 -4.47 4.52
CA LYS A 307 23.62 -5.14 4.97
C LYS A 307 24.20 -5.95 3.83
N LEU A 308 23.43 -6.91 3.36
CA LEU A 308 23.84 -7.78 2.27
C LEU A 308 24.29 -7.01 1.03
N MET A 309 23.77 -5.80 0.84
CA MET A 309 24.13 -4.99 -0.31
C MET A 309 25.49 -4.32 -0.13
N ASN A 310 25.75 -3.80 1.07
CA ASN A 310 27.03 -3.14 1.36
C ASN A 310 28.03 -4.25 1.66
N LYS A 311 27.68 -5.46 1.26
CA LYS A 311 28.52 -6.64 1.44
C LYS A 311 29.02 -6.89 2.86
N GLU A 312 28.29 -6.43 3.88
CA GLU A 312 28.70 -6.68 5.25
C GLU A 312 28.46 -8.15 5.52
N PRO A 313 29.23 -8.73 6.43
CA PRO A 313 29.01 -10.15 6.73
C PRO A 313 27.86 -10.23 7.74
N VAL A 314 27.06 -11.28 7.64
CA VAL A 314 25.92 -11.44 8.54
C VAL A 314 25.76 -12.86 9.09
N GLU A 315 25.58 -12.95 10.40
CA GLU A 315 25.39 -14.24 11.05
C GLU A 315 23.91 -14.59 10.91
N GLU A 316 23.62 -15.75 10.31
CA GLU A 316 22.24 -16.19 10.11
C GLU A 316 21.49 -15.28 9.14
N HIS A 317 21.20 -15.80 7.95
CA HIS A 317 20.50 -15.05 6.91
C HIS A 317 18.98 -15.20 7.07
N ILE A 318 18.59 -16.16 7.88
CA ILE A 318 17.19 -16.42 8.15
C ILE A 318 16.91 -15.89 9.56
N VAL A 319 15.97 -14.95 9.65
CA VAL A 319 15.61 -14.35 10.94
C VAL A 319 14.19 -14.65 11.37
N GLU A 320 14.02 -14.92 12.66
CA GLU A 320 12.70 -15.20 13.23
C GLU A 320 12.35 -14.15 14.27
N LEU A 321 11.40 -13.29 13.95
CA LEU A 321 10.99 -12.29 14.91
C LEU A 321 9.99 -12.90 15.88
N PRO A 322 10.11 -12.56 17.17
CA PRO A 322 9.20 -13.09 18.18
C PRO A 322 7.74 -12.71 17.94
N HIS A 323 6.86 -13.56 18.43
CA HIS A 323 5.42 -13.39 18.31
C HIS A 323 4.80 -13.54 19.69
N ARG A 324 3.50 -13.31 19.78
CA ARG A 324 2.81 -13.45 21.04
C ARG A 324 1.32 -13.32 20.81
N ILE A 325 0.53 -13.93 21.69
CA ILE A 325 -0.91 -13.86 21.61
C ILE A 325 -1.31 -12.62 22.42
N GLU A 326 -2.44 -12.02 22.05
CA GLU A 326 -2.97 -10.83 22.72
C GLU A 326 -4.45 -11.03 22.83
N LEU A 327 -4.92 -11.40 24.02
CA LEU A 327 -6.34 -11.63 24.17
C LEU A 327 -7.09 -10.32 24.47
N ARG A 328 -8.24 -10.17 23.82
CA ARG A 328 -9.10 -9.00 23.97
C ARG A 328 -10.44 -9.54 24.46
N LYS A 329 -11.54 -9.00 23.95
CA LYS A 329 -12.85 -9.47 24.37
C LYS A 329 -13.51 -10.40 23.36
N SER A 330 -12.72 -11.12 22.59
CA SER A 330 -13.22 -12.05 21.59
C SER A 330 -13.27 -13.47 22.18
N THR A 331 -12.72 -13.60 23.38
CA THR A 331 -12.68 -14.87 24.09
C THR A 331 -13.15 -14.69 25.55
N LYS A 332 -13.28 -15.80 26.28
CA LYS A 332 -13.74 -15.75 27.66
C LYS A 332 -12.58 -15.55 28.64
N ALA A 333 -12.88 -15.70 29.94
CA ALA A 333 -11.86 -15.55 30.98
C ALA A 333 -12.17 -16.34 32.26
N ALA B 1 26.41 6.54 30.18
CA ALA B 1 25.12 7.01 30.77
C ALA B 1 24.30 5.83 31.27
N GLN B 2 23.01 6.08 31.52
CA GLN B 2 22.13 5.05 32.02
C GLN B 2 20.74 5.63 32.29
N LYS B 3 19.73 4.78 32.34
CA LYS B 3 18.36 5.18 32.60
C LYS B 3 17.42 4.02 32.30
N THR B 4 16.42 3.85 33.15
CA THR B 4 15.47 2.77 33.00
C THR B 4 14.04 3.28 32.77
N PHE B 5 13.42 2.85 31.68
CA PHE B 5 12.06 3.25 31.36
C PHE B 5 11.07 2.09 31.50
N LYS B 6 9.80 2.44 31.48
CA LYS B 6 8.72 1.47 31.58
C LYS B 6 7.82 1.67 30.36
N VAL B 7 7.94 0.77 29.38
CA VAL B 7 7.14 0.86 28.17
C VAL B 7 5.66 0.99 28.49
N THR B 8 5.11 2.16 28.20
CA THR B 8 3.71 2.44 28.44
C THR B 8 2.94 2.28 27.13
N ALA B 9 3.66 2.35 26.02
CA ALA B 9 3.05 2.22 24.70
C ALA B 9 2.18 0.97 24.58
N ASP B 10 1.07 1.11 23.89
CA ASP B 10 0.17 0.00 23.71
C ASP B 10 0.87 -1.06 22.86
N SER B 11 1.44 -0.63 21.74
CA SER B 11 2.10 -1.52 20.80
C SER B 11 3.55 -1.92 21.12
N GLY B 12 4.02 -1.60 22.33
CA GLY B 12 5.38 -1.93 22.70
C GLY B 12 6.40 -1.17 21.89
N ILE B 13 7.62 -1.70 21.83
CA ILE B 13 8.71 -1.08 21.06
C ILE B 13 8.72 -1.71 19.65
N HIS B 14 7.92 -1.16 18.75
CA HIS B 14 7.82 -1.70 17.40
C HIS B 14 7.30 -0.64 16.44
N ALA B 15 7.07 -1.06 15.20
CA ALA B 15 6.54 -0.17 14.17
C ALA B 15 7.35 1.08 13.97
N ARG B 16 6.68 2.11 13.48
CA ARG B 16 7.33 3.40 13.20
C ARG B 16 7.99 3.99 14.43
N PRO B 17 7.32 3.98 15.60
CA PRO B 17 7.94 4.55 16.80
C PRO B 17 9.33 3.98 17.07
N ALA B 18 9.45 2.66 16.99
CA ALA B 18 10.73 2.01 17.23
C ALA B 18 11.77 2.47 16.21
N THR B 19 11.29 3.01 15.10
CA THR B 19 12.17 3.49 14.06
C THR B 19 12.77 4.84 14.49
N VAL B 20 11.87 5.74 14.88
CA VAL B 20 12.26 7.07 15.32
C VAL B 20 13.33 6.94 16.41
N LEU B 21 13.07 6.10 17.40
CA LEU B 21 14.03 5.92 18.48
C LEU B 21 15.40 5.56 17.87
N VAL B 22 15.43 4.50 17.06
CA VAL B 22 16.67 4.04 16.43
C VAL B 22 17.34 5.09 15.54
N GLN B 23 16.55 5.92 14.88
CA GLN B 23 17.13 6.95 14.02
C GLN B 23 17.65 8.07 14.89
N THR B 24 17.00 8.25 16.04
CA THR B 24 17.38 9.29 16.97
C THR B 24 18.74 8.93 17.59
N ALA B 25 18.86 7.73 18.16
CA ALA B 25 20.12 7.31 18.77
C ALA B 25 21.25 7.29 17.76
N SER B 26 20.91 7.22 16.48
CA SER B 26 21.91 7.17 15.42
C SER B 26 22.61 8.49 15.11
N LYS B 27 21.94 9.62 15.37
CA LYS B 27 22.55 10.91 15.09
C LYS B 27 23.55 11.34 16.17
N TYR B 28 23.88 10.42 17.07
CA TYR B 28 24.84 10.69 18.14
C TYR B 28 26.04 9.76 18.07
N ASP B 29 27.22 10.38 18.00
CA ASP B 29 28.50 9.68 17.91
C ASP B 29 28.73 8.66 19.01
N ALA B 30 28.27 8.99 20.21
CA ALA B 30 28.44 8.10 21.36
C ALA B 30 27.78 6.76 21.10
N ASP B 31 28.44 5.68 21.52
CA ASP B 31 27.85 4.35 21.34
C ASP B 31 26.64 4.16 22.25
N VAL B 32 25.45 4.18 21.65
CA VAL B 32 24.21 4.03 22.39
C VAL B 32 23.84 2.55 22.49
N ASN B 33 23.08 2.19 23.52
CA ASN B 33 22.63 0.82 23.73
C ASN B 33 21.29 0.69 24.46
N LEU B 34 20.61 -0.43 24.20
CA LEU B 34 19.32 -0.72 24.83
C LEU B 34 19.36 -2.13 25.40
N GLU B 35 19.03 -2.26 26.67
CA GLU B 35 19.04 -3.57 27.30
C GLU B 35 17.64 -3.99 27.68
N TYR B 36 17.30 -5.24 27.41
CA TYR B 36 15.99 -5.74 27.76
C TYR B 36 16.21 -6.99 28.59
N ASN B 37 15.59 -6.99 29.77
CA ASN B 37 15.68 -8.09 30.71
C ASN B 37 16.42 -9.29 30.12
N GLY B 38 17.76 -9.19 30.10
CA GLY B 38 18.58 -10.26 29.57
C GLY B 38 19.75 -9.77 28.74
N LYS B 39 19.55 -9.73 27.43
CA LYS B 39 20.62 -9.27 26.55
C LYS B 39 20.51 -7.78 26.27
N THR B 40 21.49 -7.30 25.53
CA THR B 40 21.55 -5.89 25.18
C THR B 40 21.82 -5.78 23.70
N VAL B 41 21.33 -4.70 23.09
CA VAL B 41 21.49 -4.49 21.67
C VAL B 41 21.92 -3.05 21.38
N ASN B 42 22.41 -2.82 20.17
CA ASN B 42 22.84 -1.49 19.79
C ASN B 42 21.58 -0.74 19.35
N LEU B 43 21.24 0.34 20.05
CA LEU B 43 20.06 1.12 19.71
C LEU B 43 20.08 1.63 18.28
N LYS B 44 21.26 1.90 17.75
CA LYS B 44 21.41 2.40 16.38
C LYS B 44 21.19 1.29 15.31
N ILE B 46 18.40 -1.30 13.66
CA ILE B 46 17.01 -1.70 13.51
C ILE B 46 16.77 -3.15 13.89
N MET B 47 17.58 -4.06 13.35
CA MET B 47 17.43 -5.48 13.65
C MET B 47 17.59 -5.75 15.13
N GLY B 48 18.74 -5.36 15.67
CA GLY B 48 19.01 -5.59 17.07
C GLY B 48 17.82 -5.26 17.94
N VAL B 49 17.23 -4.08 17.78
CA VAL B 49 16.07 -3.69 18.58
C VAL B 49 14.81 -4.49 18.33
N MET B 50 14.33 -4.48 17.10
CA MET B 50 13.09 -5.16 16.77
C MET B 50 13.03 -6.65 17.03
N SER B 51 14.18 -7.29 17.20
CA SER B 51 14.22 -8.72 17.45
C SER B 51 14.07 -9.03 18.93
N LEU B 52 14.23 -8.00 19.75
CA LEU B 52 14.11 -8.17 21.19
C LEU B 52 12.67 -8.52 21.55
N GLY B 53 11.73 -7.94 20.83
CA GLY B 53 10.32 -8.20 21.07
C GLY B 53 9.84 -7.64 22.39
N ILE B 54 10.04 -6.33 22.58
CA ILE B 54 9.65 -5.64 23.80
C ILE B 54 8.17 -5.25 23.85
N ALA B 55 7.43 -5.92 24.73
CA ALA B 55 6.00 -5.69 24.91
C ALA B 55 5.70 -4.64 25.99
N LYS B 56 4.49 -4.10 25.97
CA LYS B 56 4.08 -3.11 26.96
C LYS B 56 4.20 -3.72 28.34
N GLY B 57 4.90 -3.04 29.25
CA GLY B 57 5.05 -3.56 30.59
C GLY B 57 6.40 -4.21 30.85
N ALA B 58 7.44 -3.64 30.25
CA ALA B 58 8.78 -4.16 30.40
C ALA B 58 9.75 -3.06 30.83
N GLU B 59 10.81 -3.47 31.50
CA GLU B 59 11.83 -2.54 31.95
C GLU B 59 13.05 -2.65 31.06
N ILE B 60 13.27 -1.59 30.29
CA ILE B 60 14.40 -1.52 29.39
C ILE B 60 15.35 -0.45 29.93
N THR B 61 16.63 -0.59 29.63
CA THR B 61 17.61 0.37 30.11
C THR B 61 18.46 0.90 28.95
N ILE B 62 18.48 2.21 28.78
CA ILE B 62 19.24 2.84 27.70
C ILE B 62 20.57 3.41 28.22
N SER B 63 21.68 2.95 27.64
CA SER B 63 23.00 3.43 28.07
C SER B 63 23.87 4.00 26.93
N ALA B 64 24.25 5.27 27.06
CA ALA B 64 25.06 5.96 26.05
C ALA B 64 26.42 6.41 26.59
N SER B 65 27.50 5.84 26.07
CA SER B 65 28.86 6.21 26.49
C SER B 65 29.67 6.85 25.36
N GLY B 66 29.99 8.13 25.54
CA GLY B 66 30.76 8.84 24.54
C GLY B 66 30.67 10.33 24.77
N ALA B 67 31.09 11.11 23.78
CA ALA B 67 31.07 12.57 23.88
C ALA B 67 29.66 13.09 24.11
N ASP B 68 28.88 13.14 23.04
CA ASP B 68 27.51 13.61 23.12
C ASP B 68 26.61 12.71 23.98
N GLU B 69 27.21 11.75 24.67
CA GLU B 69 26.44 10.81 25.50
C GLU B 69 25.35 11.52 26.31
N ASN B 70 25.64 12.76 26.74
CA ASN B 70 24.70 13.54 27.52
C ASN B 70 23.54 14.01 26.65
N ASP B 71 23.89 14.68 25.55
CA ASP B 71 22.89 15.19 24.62
C ASP B 71 22.08 14.04 24.01
N ALA B 72 22.71 12.87 23.92
CA ALA B 72 22.06 11.69 23.37
C ALA B 72 20.97 11.20 24.30
N LEU B 73 21.38 10.66 25.45
CA LEU B 73 20.41 10.15 26.41
C LEU B 73 19.31 11.20 26.60
N ASN B 74 19.68 12.46 26.44
CA ASN B 74 18.74 13.57 26.58
C ASN B 74 17.69 13.52 25.46
N ALA B 75 18.17 13.36 24.22
CA ALA B 75 17.30 13.32 23.05
C ALA B 75 16.50 12.03 22.95
N LEU B 76 16.92 11.01 23.70
CA LEU B 76 16.21 9.75 23.70
C LEU B 76 15.04 9.80 24.70
N GLU B 77 15.27 10.46 25.84
CA GLU B 77 14.22 10.58 26.84
C GLU B 77 13.06 11.31 26.17
N GLU B 78 13.40 12.31 25.37
CA GLU B 78 12.40 13.09 24.64
C GLU B 78 11.53 12.14 23.84
N THR B 79 12.15 11.45 22.88
CA THR B 79 11.44 10.51 22.02
C THR B 79 10.56 9.56 22.82
N MET B 80 11.14 8.90 23.81
CA MET B 80 10.42 7.96 24.64
C MET B 80 8.99 8.37 25.02
N LYS B 81 8.75 9.67 25.21
CA LYS B 81 7.41 10.12 25.58
C LYS B 81 6.74 10.95 24.51
N SER B 82 7.56 11.58 23.66
CA SER B 82 7.01 12.38 22.57
C SER B 82 6.47 11.42 21.52
N GLU B 83 6.78 10.14 21.70
CA GLU B 83 6.33 9.10 20.81
C GLU B 83 5.39 8.18 21.55
N GLY B 84 5.30 8.39 22.87
CA GLY B 84 4.41 7.59 23.69
C GLY B 84 4.87 6.18 23.97
N LEU B 85 6.16 6.01 24.19
CA LEU B 85 6.74 4.70 24.45
C LEU B 85 6.93 4.35 25.92
N GLY B 86 7.82 5.07 26.59
CA GLY B 86 8.09 4.78 27.99
C GLY B 86 8.30 6.00 28.87
N GLU B 87 8.08 5.82 30.16
CA GLU B 87 8.23 6.91 31.14
C GLU B 87 9.51 6.81 31.95
N MET C 1 30.31 -7.51 -15.06
CA MET C 1 30.90 -7.72 -16.41
C MET C 1 29.90 -8.44 -17.33
N ASN C 2 28.64 -8.01 -17.24
CA ASN C 2 27.56 -8.58 -18.04
C ASN C 2 27.91 -8.54 -19.52
N ILE C 3 27.00 -9.05 -20.35
CA ILE C 3 27.20 -9.05 -21.77
C ILE C 3 26.46 -7.85 -22.34
N THR C 4 27.20 -6.99 -23.03
CA THR C 4 26.63 -5.77 -23.59
C THR C 4 26.06 -5.95 -24.99
N ILE C 5 25.51 -4.87 -25.52
CA ILE C 5 24.92 -4.84 -26.85
C ILE C 5 26.04 -5.02 -27.88
N TYR C 6 27.27 -4.99 -27.38
CA TYR C 6 28.47 -5.14 -28.21
C TYR C 6 28.71 -6.63 -28.44
N ASP C 7 28.67 -7.42 -27.36
CA ASP C 7 28.86 -8.86 -27.48
C ASP C 7 27.94 -9.35 -28.60
N VAL C 8 26.64 -9.08 -28.46
CA VAL C 8 25.66 -9.50 -29.44
C VAL C 8 26.08 -9.06 -30.83
N ALA C 9 26.33 -7.76 -31.01
CA ALA C 9 26.74 -7.24 -32.30
C ALA C 9 27.76 -8.15 -33.00
N ARG C 10 28.86 -8.48 -32.32
CA ARG C 10 29.88 -9.35 -32.90
C ARG C 10 29.32 -10.73 -33.24
N GLU C 11 28.57 -11.30 -32.30
CA GLU C 11 27.97 -12.61 -32.47
C GLU C 11 26.96 -12.67 -33.60
N ALA C 12 27.02 -11.71 -34.53
CA ALA C 12 26.10 -11.67 -35.65
C ALA C 12 26.63 -10.87 -36.83
N ASN C 13 27.84 -10.35 -36.70
CA ASN C 13 28.44 -9.56 -37.78
C ASN C 13 27.56 -8.39 -38.14
N VAL C 14 27.17 -7.64 -37.12
CA VAL C 14 26.32 -6.48 -37.30
C VAL C 14 26.66 -5.43 -36.25
N SER C 15 26.46 -4.17 -36.59
CA SER C 15 26.76 -3.08 -35.69
C SER C 15 25.78 -3.03 -34.53
N MET C 16 26.21 -2.42 -33.43
CA MET C 16 25.36 -2.30 -32.27
C MET C 16 24.10 -1.56 -32.71
N ALA C 17 24.23 -0.71 -33.72
CA ALA C 17 23.06 0.04 -34.22
C ALA C 17 21.91 -0.88 -34.61
N THR C 18 22.25 -2.00 -35.27
CA THR C 18 21.21 -2.95 -35.66
C THR C 18 20.67 -3.67 -34.41
N VAL C 19 21.57 -4.22 -33.59
CA VAL C 19 21.13 -4.92 -32.39
C VAL C 19 20.16 -4.00 -31.66
N SER C 20 20.47 -2.72 -31.60
CA SER C 20 19.58 -1.75 -30.97
C SER C 20 18.24 -1.72 -31.72
N ARG C 21 18.28 -1.63 -33.05
CA ARG C 21 17.07 -1.59 -33.88
C ARG C 21 16.16 -2.81 -33.72
N VAL C 22 16.77 -3.99 -33.62
CA VAL C 22 16.00 -5.22 -33.44
C VAL C 22 15.34 -5.22 -32.06
N VAL C 23 16.15 -5.17 -31.02
CA VAL C 23 15.64 -5.17 -29.65
C VAL C 23 14.52 -4.15 -29.44
N ASN C 24 14.61 -2.99 -30.09
CA ASN C 24 13.57 -1.98 -29.96
C ASN C 24 12.51 -2.18 -31.06
N GLY C 25 12.60 -3.29 -31.78
CA GLY C 25 11.64 -3.55 -32.83
C GLY C 25 11.49 -2.39 -33.81
N ASN C 26 12.58 -2.08 -34.50
CA ASN C 26 12.58 -0.99 -35.47
C ASN C 26 12.35 -1.58 -36.86
N PRO C 27 11.41 -0.99 -37.62
CA PRO C 27 11.03 -1.38 -38.98
C PRO C 27 12.19 -1.70 -39.93
N ASN C 28 13.14 -0.78 -40.04
CA ASN C 28 14.27 -0.92 -40.95
C ASN C 28 15.25 -2.06 -40.64
N VAL C 29 14.75 -3.29 -40.70
CA VAL C 29 15.57 -4.47 -40.47
C VAL C 29 15.13 -5.61 -41.37
N LYS C 30 16.10 -6.32 -41.94
CA LYS C 30 15.79 -7.44 -42.81
C LYS C 30 15.54 -8.68 -41.96
N PRO C 31 14.39 -9.32 -42.19
CA PRO C 31 13.97 -10.52 -41.47
C PRO C 31 15.10 -11.54 -41.28
N THR C 32 16.06 -11.54 -42.21
CA THR C 32 17.18 -12.46 -42.10
C THR C 32 18.06 -11.97 -40.98
N THR C 33 18.48 -10.72 -41.10
CA THR C 33 19.35 -10.08 -40.11
C THR C 33 18.68 -10.15 -38.75
N ARG C 34 17.40 -9.81 -38.70
CA ARG C 34 16.66 -9.83 -37.44
C ARG C 34 16.67 -11.19 -36.76
N LYS C 35 16.12 -12.19 -37.42
CA LYS C 35 16.08 -13.52 -36.85
C LYS C 35 17.49 -14.07 -36.61
N LYS C 36 18.48 -13.35 -37.15
CA LYS C 36 19.88 -13.72 -37.02
C LYS C 36 20.39 -13.26 -35.65
N VAL C 37 20.11 -12.01 -35.34
CA VAL C 37 20.53 -11.44 -34.08
C VAL C 37 19.62 -11.94 -32.94
N LEU C 38 18.31 -11.96 -33.16
CA LEU C 38 17.37 -12.40 -32.13
C LEU C 38 17.83 -13.70 -31.46
N GLU C 39 18.19 -14.69 -32.26
CA GLU C 39 18.65 -15.95 -31.71
C GLU C 39 20.05 -15.73 -31.16
N ALA C 40 20.74 -14.75 -31.75
CA ALA C 40 22.07 -14.41 -31.29
C ALA C 40 21.96 -13.95 -29.84
N ILE C 41 20.81 -13.36 -29.51
CA ILE C 41 20.57 -12.88 -28.16
C ILE C 41 20.45 -14.07 -27.21
N GLU C 42 19.42 -14.87 -27.41
CA GLU C 42 19.16 -16.03 -26.55
C GLU C 42 20.36 -16.95 -26.41
N ARG C 43 21.21 -16.99 -27.43
CA ARG C 43 22.40 -17.82 -27.36
C ARG C 43 23.32 -17.28 -26.26
N LEU C 44 23.56 -15.97 -26.28
CA LEU C 44 24.42 -15.30 -25.28
C LEU C 44 23.69 -15.04 -23.97
N GLY C 45 22.36 -14.98 -24.02
CA GLY C 45 21.59 -14.70 -22.82
C GLY C 45 21.68 -13.22 -22.50
N TYR C 46 21.52 -12.38 -23.53
CA TYR C 46 21.60 -10.94 -23.35
C TYR C 46 20.34 -10.38 -22.71
N ARG C 47 20.57 -9.48 -21.76
CA ARG C 47 19.49 -8.82 -21.04
C ARG C 47 19.87 -7.34 -21.06
N PRO C 48 19.06 -6.51 -21.72
CA PRO C 48 19.32 -5.08 -21.82
C PRO C 48 19.47 -4.36 -20.47
N ASN C 49 20.17 -3.23 -20.49
CA ASN C 49 20.39 -2.42 -19.29
C ASN C 49 19.51 -1.17 -19.35
N ALA C 50 18.43 -1.17 -18.56
CA ALA C 50 17.52 -0.03 -18.53
C ALA C 50 18.17 1.32 -18.20
N VAL C 51 19.26 1.31 -17.45
CA VAL C 51 19.95 2.54 -17.09
C VAL C 51 20.65 3.11 -18.32
N ALA C 52 21.48 2.26 -18.91
CA ALA C 52 22.21 2.63 -20.12
C ALA C 52 21.21 3.17 -21.12
N ARG C 53 20.17 2.37 -21.40
CA ARG C 53 19.14 2.80 -22.35
C ARG C 53 18.57 4.13 -21.90
N GLY C 54 18.26 4.21 -20.61
CA GLY C 54 17.68 5.43 -20.09
C GLY C 54 18.54 6.66 -20.27
N LEU C 55 19.87 6.50 -20.21
CA LEU C 55 20.75 7.66 -20.38
C LEU C 55 20.70 8.16 -21.80
N ALA C 56 20.86 7.23 -22.73
CA ALA C 56 20.86 7.53 -24.15
C ALA C 56 19.50 7.81 -24.81
N SER C 57 18.40 7.47 -24.12
CA SER C 57 17.08 7.65 -24.71
C SER C 57 16.25 8.76 -24.09
N LYS C 58 16.72 9.29 -22.94
CA LYS C 58 16.04 10.35 -22.19
C LYS C 58 14.68 9.89 -21.71
N LYS C 59 14.56 8.59 -21.44
CA LYS C 59 13.31 7.99 -21.01
C LYS C 59 13.60 6.78 -20.12
N THR C 60 12.80 6.58 -19.08
CA THR C 60 13.02 5.46 -18.16
C THR C 60 11.84 4.51 -17.97
N THR C 61 10.77 4.71 -18.74
CA THR C 61 9.60 3.85 -18.61
C THR C 61 9.27 3.67 -17.13
N THR C 62 9.44 4.75 -16.36
CA THR C 62 9.18 4.74 -14.92
C THR C 62 8.48 5.99 -14.45
N VAL C 63 7.50 5.83 -13.56
CA VAL C 63 6.78 6.99 -13.03
C VAL C 63 6.99 7.06 -11.53
N GLY C 64 6.84 8.27 -11.00
CA GLY C 64 7.04 8.50 -9.58
C GLY C 64 5.74 8.78 -8.88
N VAL C 65 5.55 8.13 -7.74
CA VAL C 65 4.32 8.29 -6.96
C VAL C 65 4.57 8.75 -5.54
N ILE C 66 4.00 9.90 -5.21
CA ILE C 66 4.13 10.48 -3.88
C ILE C 66 2.80 10.34 -3.14
N ILE C 67 2.82 9.46 -2.14
CA ILE C 67 1.64 9.16 -1.34
C ILE C 67 1.93 9.48 0.12
N PRO C 68 0.92 9.99 0.85
CA PRO C 68 1.11 10.33 2.26
C PRO C 68 1.37 9.13 3.17
N ASP C 69 0.61 8.05 3.02
CA ASP C 69 0.85 6.86 3.83
C ASP C 69 0.24 5.58 3.27
N ILE C 70 1.06 4.82 2.56
CA ILE C 70 0.63 3.59 1.91
C ILE C 70 -0.02 2.54 2.83
N SER C 71 0.00 2.78 4.14
CA SER C 71 -0.61 1.81 5.04
C SER C 71 -2.09 2.14 5.26
N SER C 72 -2.56 3.23 4.65
CA SER C 72 -3.95 3.60 4.81
C SER C 72 -4.76 2.68 3.94
N ILE C 73 -5.96 2.33 4.40
CA ILE C 73 -6.82 1.46 3.62
C ILE C 73 -7.21 2.20 2.34
N PHE C 74 -7.34 3.51 2.46
CA PHE C 74 -7.72 4.38 1.35
C PHE C 74 -6.62 4.50 0.30
N TYR C 75 -5.48 5.08 0.68
CA TYR C 75 -4.38 5.26 -0.26
C TYR C 75 -3.87 3.94 -0.86
N SER C 76 -3.77 2.90 -0.04
CA SER C 76 -3.32 1.61 -0.56
C SER C 76 -4.17 1.19 -1.75
N GLU C 77 -5.46 1.52 -1.73
CA GLU C 77 -6.35 1.17 -2.84
C GLU C 77 -5.99 2.05 -4.02
N LEU C 78 -6.07 3.35 -3.81
CA LEU C 78 -5.73 4.31 -4.85
C LEU C 78 -4.39 3.88 -5.51
N ALA C 79 -3.41 3.54 -4.67
CA ALA C 79 -2.12 3.10 -5.19
C ALA C 79 -2.30 1.89 -6.10
N ARG C 80 -3.11 0.93 -5.66
CA ARG C 80 -3.36 -0.26 -6.45
C ARG C 80 -3.88 0.09 -7.83
N GLY C 81 -4.65 1.17 -7.91
CA GLY C 81 -5.21 1.58 -9.18
C GLY C 81 -4.09 2.01 -10.09
N ILE C 82 -3.32 2.98 -9.59
CA ILE C 82 -2.19 3.53 -10.30
C ILE C 82 -1.27 2.43 -10.84
N GLU C 83 -0.72 1.62 -9.93
CA GLU C 83 0.18 0.54 -10.31
C GLU C 83 -0.35 -0.29 -11.47
N ASP C 84 -1.63 -0.65 -11.41
CA ASP C 84 -2.22 -1.47 -12.46
C ASP C 84 -2.29 -0.77 -13.81
N ILE C 85 -2.87 0.41 -13.86
CA ILE C 85 -2.93 1.13 -15.11
C ILE C 85 -1.51 1.38 -15.62
N ALA C 86 -0.59 1.70 -14.73
CA ALA C 86 0.79 1.93 -15.14
C ALA C 86 1.38 0.73 -15.90
N THR C 87 1.33 -0.47 -15.33
CA THR C 87 1.90 -1.61 -16.04
C THR C 87 1.12 -1.99 -17.30
N MET C 88 -0.09 -1.45 -17.45
CA MET C 88 -0.89 -1.75 -18.63
C MET C 88 -0.23 -1.03 -19.78
N TYR C 89 0.63 -0.06 -19.44
CA TYR C 89 1.35 0.76 -20.41
C TYR C 89 2.86 0.62 -20.27
N LYS C 90 3.29 -0.57 -19.84
CA LYS C 90 4.70 -0.87 -19.65
C LYS C 90 5.48 0.13 -18.79
N TYR C 91 4.81 0.83 -17.87
CA TYR C 91 5.53 1.75 -16.99
C TYR C 91 5.76 1.11 -15.63
N ASN C 92 6.77 1.62 -14.95
CA ASN C 92 7.11 1.10 -13.64
C ASN C 92 6.90 2.17 -12.58
N ILE C 93 6.78 1.73 -11.33
CA ILE C 93 6.55 2.69 -10.26
C ILE C 93 7.55 2.78 -9.11
N ILE C 94 7.78 4.03 -8.68
CA ILE C 94 8.65 4.34 -7.56
C ILE C 94 7.79 5.02 -6.48
N LEU C 95 7.58 4.30 -5.38
CA LEU C 95 6.74 4.73 -4.27
C LEU C 95 7.50 5.28 -3.06
N SER C 96 6.94 6.32 -2.44
CA SER C 96 7.53 6.94 -1.26
C SER C 96 6.47 7.65 -0.42
N ASN C 97 6.56 7.48 0.90
CA ASN C 97 5.58 8.08 1.79
C ASN C 97 5.95 9.49 2.21
N SER C 98 4.98 10.40 2.17
CA SER C 98 5.21 11.79 2.52
C SER C 98 4.65 12.10 3.90
N ASP C 99 3.65 11.35 4.35
CA ASP C 99 3.07 11.61 5.66
C ASP C 99 2.60 13.05 5.76
N GLN C 100 2.34 13.66 4.61
CA GLN C 100 1.86 15.04 4.56
C GLN C 100 2.88 16.06 5.05
N ASN C 101 4.16 15.73 5.05
CA ASN C 101 5.18 16.67 5.49
C ASN C 101 5.70 17.47 4.30
N MET C 102 5.40 18.77 4.28
CA MET C 102 5.81 19.64 3.17
C MET C 102 7.27 19.47 2.76
N GLU C 103 8.17 19.42 3.72
CA GLU C 103 9.56 19.29 3.37
C GLU C 103 9.84 17.97 2.67
N LYS C 104 9.31 16.90 3.24
CA LYS C 104 9.49 15.55 2.70
C LYS C 104 8.87 15.44 1.31
N GLU C 105 7.64 15.92 1.15
CA GLU C 105 6.97 15.88 -0.14
C GLU C 105 7.86 16.50 -1.21
N LEU C 106 8.27 17.75 -1.00
CA LEU C 106 9.12 18.45 -1.96
C LEU C 106 10.48 17.76 -2.15
N HIS C 107 11.07 17.25 -1.08
CA HIS C 107 12.36 16.58 -1.21
C HIS C 107 12.13 15.37 -2.11
N LEU C 108 11.00 14.69 -1.92
CA LEU C 108 10.69 13.54 -2.74
C LEU C 108 10.55 13.98 -4.19
N LEU C 109 9.71 14.98 -4.43
CA LEU C 109 9.54 15.51 -5.78
C LEU C 109 10.92 15.69 -6.43
N ASN C 110 11.86 16.22 -5.65
CA ASN C 110 13.21 16.42 -6.16
C ASN C 110 13.90 15.10 -6.41
N THR C 111 13.92 14.25 -5.39
CA THR C 111 14.57 12.95 -5.54
C THR C 111 14.03 12.25 -6.78
N MET C 112 12.71 12.27 -6.94
CA MET C 112 12.07 11.61 -8.08
C MET C 112 12.58 12.17 -9.39
N LEU C 113 12.49 13.48 -9.54
CA LEU C 113 12.96 14.12 -10.75
C LEU C 113 14.41 13.71 -11.00
N GLY C 114 15.21 13.70 -9.96
CA GLY C 114 16.60 13.30 -10.09
C GLY C 114 16.75 11.97 -10.77
N LYS C 115 15.98 10.97 -10.35
CA LYS C 115 16.02 9.62 -10.93
C LYS C 115 15.46 9.62 -12.35
N GLN C 116 15.15 10.82 -12.86
CA GLN C 116 14.67 10.98 -14.22
C GLN C 116 13.36 10.28 -14.56
N VAL C 117 12.33 10.46 -13.74
CA VAL C 117 11.07 9.80 -14.03
C VAL C 117 10.35 10.49 -15.17
N ASP C 118 9.58 9.70 -15.91
CA ASP C 118 8.81 10.17 -17.05
C ASP C 118 7.54 10.94 -16.65
N GLY C 119 7.13 10.80 -15.39
CA GLY C 119 5.94 11.48 -14.91
C GLY C 119 5.74 11.31 -13.42
N ILE C 120 4.78 12.02 -12.85
CA ILE C 120 4.53 11.96 -11.41
C ILE C 120 3.06 12.05 -11.01
N VAL C 121 2.63 11.19 -10.09
CA VAL C 121 1.25 11.25 -9.59
C VAL C 121 1.37 11.68 -8.13
N PHE C 122 0.75 12.80 -7.81
CA PHE C 122 0.86 13.37 -6.46
C PHE C 122 -0.40 13.38 -5.64
N MET C 123 -0.24 13.08 -4.37
CA MET C 123 -1.36 13.07 -3.45
C MET C 123 -0.98 13.75 -2.16
N GLY C 124 -1.85 14.65 -1.70
CA GLY C 124 -1.56 15.37 -0.48
C GLY C 124 -2.72 16.23 -0.04
N GLY C 125 -2.91 16.32 1.27
CA GLY C 125 -4.00 17.11 1.81
C GLY C 125 -3.86 18.62 1.71
N ASN C 126 -2.63 19.12 1.55
CA ASN C 126 -2.45 20.57 1.47
C ASN C 126 -1.46 21.03 0.41
N ILE C 127 -1.98 21.29 -0.79
CA ILE C 127 -1.17 21.77 -1.91
C ILE C 127 -1.04 23.28 -1.81
N THR C 128 0.12 23.77 -1.39
CA THR C 128 0.32 25.21 -1.25
C THR C 128 0.98 25.85 -2.46
N ASP C 129 1.04 27.17 -2.46
CA ASP C 129 1.67 27.86 -3.58
C ASP C 129 3.09 27.36 -3.73
N GLU C 130 3.82 27.32 -2.62
CA GLU C 130 5.20 26.87 -2.59
C GLU C 130 5.30 25.52 -3.30
N HIS C 131 4.18 24.82 -3.32
CA HIS C 131 4.08 23.52 -3.98
C HIS C 131 3.94 23.73 -5.48
N VAL C 132 2.87 24.40 -5.87
CA VAL C 132 2.60 24.68 -7.27
C VAL C 132 3.82 25.32 -7.91
N ALA C 133 4.51 26.13 -7.13
CA ALA C 133 5.72 26.81 -7.59
C ALA C 133 6.75 25.77 -8.02
N GLU C 134 6.91 24.74 -7.21
CA GLU C 134 7.89 23.68 -7.50
C GLU C 134 7.41 22.71 -8.59
N PHE C 135 6.09 22.65 -8.80
CA PHE C 135 5.52 21.77 -9.81
C PHE C 135 5.92 22.23 -11.21
N LYS C 136 5.58 23.49 -11.49
CA LYS C 136 5.86 24.11 -12.76
C LYS C 136 7.34 24.01 -13.19
N ARG C 137 8.19 23.63 -12.25
CA ARG C 137 9.62 23.49 -12.51
C ARG C 137 10.05 22.08 -12.95
N SER C 138 9.09 21.20 -13.23
CA SER C 138 9.47 19.85 -13.60
C SER C 138 9.36 19.56 -15.08
N PRO C 139 10.40 18.95 -15.65
CA PRO C 139 10.48 18.60 -17.07
C PRO C 139 9.45 17.54 -17.46
N VAL C 140 8.93 16.81 -16.47
CA VAL C 140 7.92 15.79 -16.75
C VAL C 140 6.58 16.17 -16.17
N PRO C 141 5.49 15.65 -16.75
CA PRO C 141 4.12 15.94 -16.29
C PRO C 141 3.84 15.50 -14.83
N ILE C 142 2.83 16.12 -14.23
CA ILE C 142 2.44 15.79 -12.86
C ILE C 142 0.92 15.78 -12.73
N VAL C 143 0.36 14.63 -12.34
CA VAL C 143 -1.08 14.49 -12.16
C VAL C 143 -1.44 14.36 -10.68
N LEU C 144 -2.57 14.95 -10.29
CA LEU C 144 -3.01 14.88 -8.90
C LEU C 144 -4.19 13.92 -8.75
N ALA C 145 -4.22 13.17 -7.65
CA ALA C 145 -5.29 12.21 -7.40
C ALA C 145 -5.91 12.36 -6.02
N ALA C 146 -7.23 12.44 -5.97
CA ALA C 146 -7.95 12.57 -4.72
C ALA C 146 -7.36 13.67 -3.85
N SER C 147 -6.98 14.77 -4.48
CA SER C 147 -6.39 15.88 -3.74
C SER C 147 -7.07 17.19 -4.12
N VAL C 148 -6.82 18.24 -3.35
CA VAL C 148 -7.44 19.53 -3.64
C VAL C 148 -6.38 20.60 -3.83
N GLU C 149 -6.41 21.22 -5.01
CA GLU C 149 -5.48 22.27 -5.37
C GLU C 149 -6.27 23.54 -5.65
N GLU C 150 -6.26 24.45 -4.67
CA GLU C 150 -6.96 25.72 -4.76
C GLU C 150 -6.70 26.45 -6.07
N GLN C 151 -5.42 26.76 -6.34
CA GLN C 151 -4.99 27.49 -7.53
C GLN C 151 -5.45 26.97 -8.89
N GLU C 152 -5.90 25.71 -8.97
CA GLU C 152 -6.36 25.15 -10.23
C GLU C 152 -5.35 25.36 -11.37
N GLU C 153 -4.23 24.65 -11.28
CA GLU C 153 -3.18 24.76 -12.29
C GLU C 153 -2.72 23.39 -12.78
N THR C 154 -2.55 22.45 -11.84
CA THR C 154 -2.11 21.12 -12.18
C THR C 154 -3.31 20.23 -12.48
N PRO C 155 -3.13 19.27 -13.41
CA PRO C 155 -4.23 18.36 -13.76
C PRO C 155 -4.49 17.34 -12.65
N SER C 156 -5.71 17.37 -12.10
CA SER C 156 -6.08 16.44 -11.03
C SER C 156 -7.12 15.44 -11.53
N VAL C 157 -7.51 14.53 -10.64
CA VAL C 157 -8.50 13.51 -10.96
C VAL C 157 -9.15 13.07 -9.66
N ALA C 158 -10.19 13.79 -9.23
CA ALA C 158 -10.90 13.44 -8.01
C ALA C 158 -12.41 13.48 -8.25
N ILE C 159 -13.15 13.91 -7.22
CA ILE C 159 -14.59 14.06 -7.32
C ILE C 159 -14.93 15.41 -6.70
N ASP C 160 -16.21 15.73 -6.63
CA ASP C 160 -16.61 16.99 -6.04
C ASP C 160 -16.97 16.71 -4.59
N TYR C 161 -15.97 16.82 -3.71
CA TYR C 161 -16.20 16.57 -2.29
C TYR C 161 -17.21 17.58 -1.76
N GLU C 162 -17.22 18.77 -2.35
CA GLU C 162 -18.15 19.83 -1.96
C GLU C 162 -19.59 19.33 -2.13
N GLN C 163 -19.94 18.92 -3.35
CA GLN C 163 -21.27 18.40 -3.64
C GLN C 163 -21.52 17.08 -2.93
N ALA C 164 -20.53 16.19 -2.99
CA ALA C 164 -20.65 14.88 -2.37
C ALA C 164 -21.18 15.01 -0.94
N ILE C 165 -20.63 15.96 -0.19
CA ILE C 165 -21.08 16.17 1.18
C ILE C 165 -22.50 16.73 1.18
N TYR C 166 -22.81 17.58 0.20
CA TYR C 166 -24.14 18.17 0.08
C TYR C 166 -25.14 17.03 -0.09
N ASP C 167 -24.92 16.23 -1.12
CA ASP C 167 -25.77 15.08 -1.42
C ASP C 167 -26.13 14.32 -0.15
N ALA C 168 -25.12 14.06 0.67
CA ALA C 168 -25.30 13.33 1.91
C ALA C 168 -26.19 14.10 2.88
N VAL C 169 -25.85 15.34 3.15
CA VAL C 169 -26.64 16.15 4.06
C VAL C 169 -28.11 16.18 3.62
N LYS C 170 -28.31 16.43 2.32
CA LYS C 170 -29.64 16.48 1.73
C LYS C 170 -30.44 15.22 2.03
N LEU C 171 -29.93 14.08 1.58
CA LEU C 171 -30.61 12.81 1.80
C LEU C 171 -30.91 12.56 3.26
N LEU C 172 -30.26 13.30 4.14
CA LEU C 172 -30.51 13.16 5.57
C LEU C 172 -31.72 14.01 5.99
N VAL C 173 -31.64 15.31 5.70
CA VAL C 173 -32.74 16.22 6.02
C VAL C 173 -34.04 15.63 5.44
N ASP C 174 -33.97 15.14 4.21
CA ASP C 174 -35.12 14.54 3.52
C ASP C 174 -35.66 13.33 4.29
N LYS C 175 -35.02 12.99 5.41
CA LYS C 175 -35.47 11.86 6.22
C LYS C 175 -36.10 12.37 7.50
N GLY C 176 -36.01 13.69 7.72
CA GLY C 176 -36.60 14.29 8.89
C GLY C 176 -35.61 14.55 10.00
N HIS C 177 -34.42 15.03 9.64
CA HIS C 177 -33.40 15.31 10.64
C HIS C 177 -33.15 16.81 10.77
N THR C 178 -33.49 17.35 11.93
CA THR C 178 -33.31 18.77 12.19
C THR C 178 -31.87 19.03 12.54
N ASP C 179 -31.45 18.50 13.68
CA ASP C 179 -30.09 18.66 14.17
C ASP C 179 -29.15 17.56 13.66
N ILE C 180 -28.28 17.92 12.73
CA ILE C 180 -27.32 17.00 12.12
C ILE C 180 -25.89 17.46 12.38
N ALA C 181 -24.99 16.51 12.63
CA ALA C 181 -23.59 16.85 12.91
C ALA C 181 -22.62 16.34 11.85
N PHE C 182 -21.42 16.91 11.84
CA PHE C 182 -20.39 16.54 10.88
C PHE C 182 -19.07 16.23 11.56
N VAL C 183 -18.51 15.06 11.26
CA VAL C 183 -17.22 14.68 11.83
C VAL C 183 -16.19 14.81 10.72
N SER C 184 -15.52 15.96 10.68
CA SER C 184 -14.53 16.21 9.64
C SER C 184 -13.15 15.73 10.02
N GLY C 185 -12.19 16.06 9.15
CA GLY C 185 -10.82 15.66 9.38
C GLY C 185 -10.07 16.92 9.75
N PRO C 186 -8.73 16.88 9.86
CA PRO C 186 -7.98 18.09 10.22
C PRO C 186 -8.32 19.26 9.30
N MET C 187 -8.90 20.31 9.89
CA MET C 187 -9.28 21.49 9.13
C MET C 187 -8.04 22.18 8.60
N ALA C 188 -6.88 21.77 9.11
CA ALA C 188 -5.64 22.36 8.63
C ALA C 188 -5.47 22.01 7.15
N GLU C 189 -6.24 21.03 6.67
CA GLU C 189 -6.19 20.58 5.29
C GLU C 189 -7.36 21.13 4.47
N PRO C 190 -7.06 21.76 3.32
CA PRO C 190 -8.10 22.33 2.45
C PRO C 190 -9.30 21.40 2.21
N ILE C 191 -9.03 20.21 1.66
CA ILE C 191 -10.06 19.20 1.37
C ILE C 191 -11.17 19.07 2.42
N ASN C 192 -10.82 19.29 3.68
CA ASN C 192 -11.78 19.20 4.78
C ASN C 192 -12.50 20.54 4.96
N ARG C 193 -11.70 21.58 5.20
CA ARG C 193 -12.21 22.93 5.40
C ARG C 193 -12.94 23.55 4.18
N SER C 194 -12.20 23.89 3.12
CA SER C 194 -12.78 24.52 1.93
C SER C 194 -13.54 23.61 0.96
N LYS C 195 -14.08 22.49 1.44
CA LYS C 195 -14.79 21.60 0.53
C LYS C 195 -15.84 20.75 1.20
N LYS C 196 -15.41 19.94 2.16
CA LYS C 196 -16.33 19.08 2.87
C LYS C 196 -17.20 19.86 3.85
N LEU C 197 -16.61 20.90 4.43
CA LEU C 197 -17.31 21.74 5.38
C LEU C 197 -18.39 22.57 4.68
N GLN C 198 -18.00 23.25 3.60
CA GLN C 198 -18.90 24.09 2.81
C GLN C 198 -20.10 23.30 2.29
N GLY C 199 -19.82 22.24 1.53
CA GLY C 199 -20.90 21.41 1.01
C GLY C 199 -21.88 21.03 2.11
N TYR C 200 -21.40 21.03 3.35
CA TYR C 200 -22.21 20.70 4.50
C TYR C 200 -22.97 21.93 4.98
N LYS C 201 -22.26 23.04 5.07
CA LYS C 201 -22.86 24.29 5.53
C LYS C 201 -23.87 24.89 4.54
N ARG C 202 -23.73 24.57 3.26
CA ARG C 202 -24.67 25.12 2.28
C ARG C 202 -25.95 24.29 2.30
N ALA C 203 -25.79 23.00 2.54
CA ALA C 203 -26.92 22.10 2.61
C ALA C 203 -27.80 22.49 3.79
N LEU C 204 -27.27 23.29 4.68
CA LEU C 204 -28.05 23.71 5.84
C LEU C 204 -29.01 24.85 5.53
N GLU C 205 -28.48 26.00 5.12
CA GLU C 205 -29.35 27.13 4.81
C GLU C 205 -30.25 26.84 3.61
N GLU C 206 -29.79 25.94 2.74
CA GLU C 206 -30.56 25.57 1.56
C GLU C 206 -31.71 24.66 1.99
N ALA C 207 -31.72 24.31 3.28
CA ALA C 207 -32.76 23.47 3.87
C ALA C 207 -33.41 24.30 4.97
N ASN C 208 -32.96 25.55 5.08
CA ASN C 208 -33.44 26.51 6.06
C ASN C 208 -33.07 26.20 7.50
N LEU C 209 -32.15 25.27 7.71
CA LEU C 209 -31.72 24.90 9.06
C LEU C 209 -30.55 25.75 9.51
N PRO C 210 -30.55 26.14 10.80
CA PRO C 210 -29.47 26.97 11.36
C PRO C 210 -28.16 26.22 11.59
N PHE C 211 -27.04 26.92 11.40
CA PHE C 211 -25.73 26.32 11.61
C PHE C 211 -25.41 26.20 13.10
N ASN C 212 -24.96 25.02 13.52
CA ASN C 212 -24.61 24.79 14.92
C ASN C 212 -23.14 24.39 15.03
N GLU C 213 -22.29 25.35 15.42
CA GLU C 213 -20.86 25.08 15.55
C GLU C 213 -20.57 23.82 16.38
N GLN C 214 -21.34 23.60 17.43
CA GLN C 214 -21.15 22.44 18.29
C GLN C 214 -21.50 21.13 17.60
N PHE C 215 -21.87 21.19 16.32
CA PHE C 215 -22.20 19.96 15.60
C PHE C 215 -21.13 19.64 14.57
N VAL C 216 -19.97 20.24 14.74
CA VAL C 216 -18.85 20.01 13.84
C VAL C 216 -17.64 19.55 14.67
N ALA C 217 -17.33 18.26 14.55
CA ALA C 217 -16.23 17.61 15.25
C ALA C 217 -15.03 17.42 14.32
N GLU C 218 -13.84 17.80 14.79
CA GLU C 218 -12.61 17.67 13.99
C GLU C 218 -11.79 16.47 14.47
N GLY C 219 -11.70 15.44 13.63
CA GLY C 219 -10.92 14.27 14.00
C GLY C 219 -9.64 14.26 13.18
N ASP C 220 -9.19 13.06 12.83
CA ASP C 220 -7.99 12.90 12.03
C ASP C 220 -8.04 11.56 11.36
N TYR C 221 -9.20 11.23 10.81
CA TYR C 221 -9.40 9.98 10.11
C TYR C 221 -9.07 8.77 10.96
N THR C 222 -8.79 9.00 12.25
CA THR C 222 -8.43 7.91 13.17
C THR C 222 -9.62 7.26 13.82
N TYR C 223 -9.67 5.94 13.77
CA TYR C 223 -10.76 5.24 14.42
C TYR C 223 -10.94 5.88 15.80
N ASP C 224 -9.85 5.98 16.58
CA ASP C 224 -9.94 6.59 17.91
C ASP C 224 -10.58 7.97 17.92
N SER C 225 -10.17 8.85 17.01
CA SER C 225 -10.76 10.18 16.96
C SER C 225 -12.25 10.03 16.67
N GLY C 226 -12.61 8.94 16.00
CA GLY C 226 -14.01 8.70 15.69
C GLY C 226 -14.84 8.55 16.94
N LEU C 227 -14.39 7.70 17.85
CA LEU C 227 -15.10 7.48 19.10
C LEU C 227 -15.14 8.78 19.90
N GLU C 228 -14.00 9.46 20.01
CA GLU C 228 -13.93 10.72 20.75
C GLU C 228 -14.87 11.75 20.16
N ALA C 229 -15.31 11.52 18.92
CA ALA C 229 -16.22 12.46 18.28
C ALA C 229 -17.63 12.20 18.80
N LEU C 230 -18.21 11.05 18.48
CA LEU C 230 -19.56 10.73 18.95
C LEU C 230 -19.74 11.04 20.43
N GLN C 231 -18.72 10.71 21.22
CA GLN C 231 -18.76 10.96 22.65
C GLN C 231 -18.97 12.44 22.93
N HIS C 232 -18.08 13.27 22.41
CA HIS C 232 -18.18 14.71 22.61
C HIS C 232 -19.51 15.23 22.06
N LEU C 233 -20.12 14.46 21.15
CA LEU C 233 -21.39 14.88 20.55
C LEU C 233 -22.61 14.66 21.45
N MET C 234 -22.66 13.54 22.14
CA MET C 234 -23.78 13.24 23.01
C MET C 234 -23.64 13.98 24.34
N SER C 235 -22.48 14.60 24.54
CA SER C 235 -22.21 15.36 25.76
C SER C 235 -23.29 16.43 25.92
N LEU C 236 -23.13 17.52 25.18
CA LEU C 236 -24.07 18.65 25.23
C LEU C 236 -25.53 18.20 25.08
N ASP C 237 -26.43 19.11 25.43
CA ASP C 237 -27.86 18.85 25.38
C ASP C 237 -28.37 18.56 23.98
N LYS C 238 -28.25 19.56 23.09
CA LYS C 238 -28.71 19.40 21.72
C LYS C 238 -27.91 18.32 21.02
N LYS C 239 -28.40 17.08 21.10
CA LYS C 239 -27.71 15.96 20.47
C LYS C 239 -28.33 15.59 19.12
N PRO C 240 -27.50 15.58 18.05
CA PRO C 240 -27.92 15.24 16.68
C PRO C 240 -28.60 13.88 16.58
N THR C 241 -29.46 13.72 15.59
CA THR C 241 -30.17 12.46 15.38
C THR C 241 -29.56 11.69 14.22
N ALA C 242 -28.50 12.26 13.65
CA ALA C 242 -27.77 11.66 12.53
C ALA C 242 -26.44 12.38 12.39
N ILE C 243 -25.39 11.62 12.10
CA ILE C 243 -24.05 12.19 11.97
C ILE C 243 -23.38 11.78 10.65
N LEU C 244 -22.59 12.67 10.08
CA LEU C 244 -21.88 12.39 8.85
C LEU C 244 -20.38 12.43 9.13
N SER C 245 -19.69 11.36 8.74
CA SER C 245 -18.25 11.27 8.94
C SER C 245 -17.50 11.50 7.64
N ALA C 246 -16.36 12.18 7.75
CA ALA C 246 -15.55 12.46 6.58
C ALA C 246 -14.93 11.20 5.94
N THR C 247 -14.59 10.20 6.77
CA THR C 247 -14.00 8.95 6.30
C THR C 247 -14.73 7.77 6.97
N ASP C 248 -14.59 6.57 6.42
CA ASP C 248 -15.25 5.41 7.02
C ASP C 248 -14.57 4.94 8.30
N GLU C 249 -13.24 4.94 8.30
CA GLU C 249 -12.51 4.49 9.47
C GLU C 249 -12.98 5.26 10.69
N MET C 250 -13.45 6.49 10.49
CA MET C 250 -13.94 7.25 11.63
C MET C 250 -15.36 6.84 11.96
N ALA C 251 -16.17 6.64 10.91
CA ALA C 251 -17.56 6.25 11.07
C ALA C 251 -17.67 5.05 12.01
N LEU C 252 -16.89 4.01 11.74
CA LEU C 252 -16.92 2.84 12.60
C LEU C 252 -16.69 3.31 14.03
N GLY C 253 -15.77 4.26 14.20
CA GLY C 253 -15.47 4.78 15.54
C GLY C 253 -16.65 5.44 16.22
N ILE C 254 -17.56 5.97 15.42
CA ILE C 254 -18.76 6.62 15.93
C ILE C 254 -19.80 5.54 16.23
N ILE C 255 -20.00 4.61 15.30
CA ILE C 255 -20.97 3.54 15.50
C ILE C 255 -20.65 2.83 16.81
N HIS C 256 -19.45 2.27 16.88
CA HIS C 256 -19.02 1.55 18.07
C HIS C 256 -19.06 2.42 19.33
N ALA C 257 -18.56 3.64 19.25
CA ALA C 257 -18.58 4.51 20.43
C ALA C 257 -19.99 4.63 20.98
N ALA C 258 -20.97 4.53 20.08
CA ALA C 258 -22.38 4.62 20.43
C ALA C 258 -22.84 3.33 21.12
N GLN C 259 -22.69 2.21 20.43
CA GLN C 259 -23.09 0.90 20.96
C GLN C 259 -22.45 0.62 22.34
N ASP C 260 -21.27 1.20 22.57
CA ASP C 260 -20.59 1.01 23.85
C ASP C 260 -21.23 1.91 24.90
N GLN C 261 -22.08 2.83 24.46
CA GLN C 261 -22.77 3.73 25.37
C GLN C 261 -24.23 3.32 25.54
N GLY C 262 -24.57 2.17 24.97
CA GLY C 262 -25.93 1.69 25.06
C GLY C 262 -26.75 1.88 23.80
N LEU C 263 -26.91 3.14 23.38
CA LEU C 263 -27.69 3.43 22.18
C LEU C 263 -27.45 2.43 21.06
N SER C 264 -28.50 2.16 20.28
CA SER C 264 -28.43 1.22 19.16
C SER C 264 -28.45 1.97 17.83
N ILE C 265 -27.94 1.34 16.77
CA ILE C 265 -27.90 1.94 15.44
C ILE C 265 -28.49 0.94 14.42
N PRO C 266 -29.37 1.41 13.52
CA PRO C 266 -29.83 2.80 13.41
C PRO C 266 -31.00 3.10 14.35
N GLU C 267 -31.27 2.18 15.27
CA GLU C 267 -32.37 2.33 16.22
C GLU C 267 -32.47 3.69 16.91
N ASP C 268 -31.34 4.27 17.29
CA ASP C 268 -31.36 5.56 17.97
C ASP C 268 -30.72 6.70 17.18
N LEU C 269 -29.75 6.37 16.33
CA LEU C 269 -29.05 7.36 15.50
C LEU C 269 -28.82 6.89 14.07
N ASP C 270 -28.46 7.84 13.20
CA ASP C 270 -28.17 7.52 11.80
C ASP C 270 -26.78 8.04 11.44
N ILE C 271 -25.92 7.15 10.93
CA ILE C 271 -24.56 7.53 10.56
C ILE C 271 -24.19 7.15 9.13
N ILE C 272 -23.48 8.06 8.46
CA ILE C 272 -23.03 7.82 7.10
C ILE C 272 -21.55 8.18 6.92
N GLY C 273 -20.77 7.20 6.47
CA GLY C 273 -19.35 7.41 6.26
C GLY C 273 -19.11 8.08 4.93
N PHE C 274 -17.88 7.99 4.42
CA PHE C 274 -17.52 8.62 3.16
C PHE C 274 -16.28 8.01 2.52
N ASP C 275 -16.48 7.10 1.56
CA ASP C 275 -15.38 6.44 0.83
C ASP C 275 -15.81 5.11 0.23
N ASN C 276 -16.72 4.43 0.94
CA ASN C 276 -17.19 3.13 0.51
C ASN C 276 -16.04 2.12 0.51
N THR C 277 -15.19 2.21 1.51
CA THR C 277 -14.06 1.29 1.61
C THR C 277 -14.59 -0.01 2.12
N ARG C 278 -13.90 -1.11 1.81
CA ARG C 278 -14.30 -2.42 2.27
C ARG C 278 -14.62 -2.38 3.77
N LEU C 279 -14.11 -1.36 4.47
CA LEU C 279 -14.36 -1.22 5.89
C LEU C 279 -15.85 -1.11 6.15
N SER C 280 -16.50 -0.15 5.50
CA SER C 280 -17.93 0.07 5.67
C SER C 280 -18.76 -1.19 5.43
N LEU C 281 -18.10 -2.26 5.01
CA LEU C 281 -18.80 -3.51 4.72
C LEU C 281 -18.49 -4.58 5.74
N MET C 282 -17.49 -4.33 6.57
CA MET C 282 -17.09 -5.30 7.57
C MET C 282 -17.53 -4.87 8.97
N VAL C 283 -18.65 -4.16 9.03
CA VAL C 283 -19.18 -3.69 10.29
C VAL C 283 -20.64 -4.08 10.40
N ARG C 284 -21.18 -4.00 11.61
CA ARG C 284 -22.58 -4.32 11.85
C ARG C 284 -23.21 -3.20 12.68
N PRO C 285 -24.24 -2.54 12.14
CA PRO C 285 -24.81 -2.79 10.81
C PRO C 285 -23.89 -2.27 9.70
N GLN C 286 -23.96 -2.88 8.52
CA GLN C 286 -23.12 -2.45 7.42
C GLN C 286 -23.33 -0.98 7.10
N LEU C 287 -22.38 -0.15 7.50
CA LEU C 287 -22.40 1.31 7.29
C LEU C 287 -22.81 1.78 5.89
N SER C 288 -23.57 2.87 5.84
CA SER C 288 -23.99 3.46 4.57
C SER C 288 -22.93 4.52 4.35
N THR C 289 -22.54 4.75 3.10
CA THR C 289 -21.49 5.72 2.84
C THR C 289 -21.47 6.29 1.44
N VAL C 290 -20.98 7.54 1.34
CA VAL C 290 -20.85 8.23 0.06
C VAL C 290 -19.82 7.42 -0.75
N VAL C 291 -20.17 7.05 -1.98
CA VAL C 291 -19.25 6.26 -2.80
C VAL C 291 -18.26 7.08 -3.63
N GLN C 292 -16.98 6.78 -3.44
CA GLN C 292 -15.90 7.43 -4.16
C GLN C 292 -15.14 6.30 -4.85
N PRO C 293 -15.09 6.34 -6.18
CA PRO C 293 -14.41 5.34 -7.02
C PRO C 293 -12.90 5.37 -6.81
N THR C 294 -12.47 5.11 -5.59
CA THR C 294 -11.05 5.17 -5.30
C THR C 294 -10.17 4.54 -6.37
N TYR C 295 -10.28 3.24 -6.58
CA TYR C 295 -9.45 2.61 -7.60
C TYR C 295 -9.43 3.44 -8.89
N ASP C 296 -10.61 3.70 -9.44
CA ASP C 296 -10.74 4.48 -10.67
C ASP C 296 -9.93 5.77 -10.62
N ILE C 297 -10.09 6.54 -9.54
CA ILE C 297 -9.34 7.79 -9.38
C ILE C 297 -7.84 7.57 -9.59
N GLY C 298 -7.36 6.39 -9.21
CA GLY C 298 -5.95 6.08 -9.38
C GLY C 298 -5.69 5.69 -10.81
N ALA C 299 -6.48 4.76 -11.32
CA ALA C 299 -6.35 4.28 -12.69
C ALA C 299 -6.47 5.40 -13.71
N VAL C 300 -7.46 6.28 -13.53
CA VAL C 300 -7.70 7.38 -14.45
C VAL C 300 -6.50 8.31 -14.41
N ALA C 301 -6.12 8.70 -13.20
CA ALA C 301 -4.98 9.58 -12.99
C ALA C 301 -3.73 9.07 -13.72
N MET C 302 -3.35 7.83 -13.45
CA MET C 302 -2.18 7.26 -14.11
C MET C 302 -2.39 7.22 -15.61
N ARG C 303 -3.62 6.94 -16.03
CA ARG C 303 -3.94 6.87 -17.46
C ARG C 303 -3.81 8.24 -18.12
N LEU C 304 -4.32 9.26 -17.43
CA LEU C 304 -4.25 10.63 -17.92
C LEU C 304 -2.79 11.03 -18.11
N LEU C 305 -1.95 10.53 -17.21
CA LEU C 305 -0.53 10.82 -17.27
C LEU C 305 0.10 10.18 -18.51
N THR C 306 -0.26 8.92 -18.80
CA THR C 306 0.29 8.24 -19.96
C THR C 306 0.02 9.06 -21.21
N LYS C 307 -1.04 9.84 -21.20
CA LYS C 307 -1.34 10.69 -22.35
C LYS C 307 -0.36 11.85 -22.30
N LEU C 308 -0.46 12.67 -21.25
CA LEU C 308 0.41 13.82 -21.12
C LEU C 308 1.87 13.47 -21.35
N MET C 309 2.30 12.30 -20.88
CA MET C 309 3.68 11.89 -21.08
C MET C 309 3.97 11.63 -22.55
N ASN C 310 2.95 11.21 -23.29
CA ASN C 310 3.09 10.90 -24.71
C ASN C 310 2.86 12.13 -25.58
N LYS C 311 2.76 13.29 -24.93
CA LYS C 311 2.55 14.55 -25.62
C LYS C 311 1.16 14.70 -26.25
N GLU C 312 0.47 13.59 -26.52
CA GLU C 312 -0.87 13.65 -27.11
C GLU C 312 -1.80 14.59 -26.33
N PRO C 313 -2.34 15.62 -27.01
CA PRO C 313 -3.24 16.58 -26.37
C PRO C 313 -4.48 15.95 -25.78
N VAL C 314 -5.07 16.61 -24.79
CA VAL C 314 -6.26 16.10 -24.13
C VAL C 314 -7.24 17.22 -23.77
N GLU C 315 -8.52 16.94 -23.99
CA GLU C 315 -9.60 17.87 -23.69
C GLU C 315 -9.68 18.07 -22.17
N GLU C 316 -9.35 19.27 -21.70
CA GLU C 316 -9.38 19.58 -20.27
C GLU C 316 -8.39 18.72 -19.47
N HIS C 317 -7.91 19.25 -18.35
CA HIS C 317 -6.94 18.54 -17.53
C HIS C 317 -7.43 18.25 -16.14
N ILE C 318 -8.58 18.83 -15.80
CA ILE C 318 -9.16 18.62 -14.47
C ILE C 318 -10.37 17.72 -14.64
N VAL C 319 -10.25 16.49 -14.15
CA VAL C 319 -11.32 15.51 -14.25
C VAL C 319 -12.02 15.35 -12.92
N GLU C 320 -13.32 15.02 -12.97
CA GLU C 320 -14.12 14.85 -11.77
C GLU C 320 -14.98 13.59 -11.89
N LEU C 321 -14.40 12.43 -11.63
CA LEU C 321 -15.17 11.19 -11.72
C LEU C 321 -16.50 11.29 -10.98
N PRO C 322 -17.52 10.57 -11.47
CA PRO C 322 -18.86 10.56 -10.88
C PRO C 322 -18.93 9.80 -9.57
N HIS C 323 -19.58 10.40 -8.58
CA HIS C 323 -19.74 9.76 -7.28
C HIS C 323 -21.21 9.40 -7.11
N ARG C 324 -21.56 8.90 -5.94
CA ARG C 324 -22.93 8.51 -5.65
C ARG C 324 -23.05 8.04 -4.20
N ILE C 325 -24.23 7.57 -3.80
CA ILE C 325 -24.41 7.09 -2.45
C ILE C 325 -24.98 5.68 -2.44
N GLU C 326 -24.55 4.90 -1.44
CA GLU C 326 -25.00 3.53 -1.29
C GLU C 326 -25.48 3.39 0.13
N LEU C 327 -26.79 3.20 0.27
CA LEU C 327 -27.38 3.05 1.59
C LEU C 327 -27.36 1.59 1.98
N ARG C 328 -27.09 1.30 3.25
CA ARG C 328 -27.07 -0.07 3.73
C ARG C 328 -27.91 -0.23 5.02
N LYS C 329 -27.26 -0.68 6.09
CA LYS C 329 -27.95 -0.91 7.35
C LYS C 329 -27.62 0.04 8.50
N SER C 330 -26.98 1.16 8.22
CA SER C 330 -26.64 2.12 9.28
C SER C 330 -27.55 3.33 9.20
N THR C 331 -28.72 3.15 8.59
CA THR C 331 -29.72 4.19 8.41
C THR C 331 -31.15 3.61 8.48
N LYS C 332 -32.16 4.48 8.47
CA LYS C 332 -33.55 4.02 8.56
C LYS C 332 -34.32 4.04 7.23
N ALA D 1 -20.78 -6.59 -34.96
CA ALA D 1 -21.69 -7.37 -34.08
C ALA D 1 -22.10 -6.52 -32.88
N GLN D 2 -22.83 -7.12 -31.95
CA GLN D 2 -23.27 -6.42 -30.74
C GLN D 2 -24.09 -7.30 -29.81
N LYS D 3 -24.34 -6.79 -28.61
CA LYS D 3 -25.10 -7.50 -27.59
C LYS D 3 -25.37 -6.57 -26.41
N THR D 4 -26.45 -6.85 -25.68
CA THR D 4 -26.82 -6.04 -24.53
C THR D 4 -26.67 -6.83 -23.24
N PHE D 5 -25.90 -6.30 -22.30
CA PHE D 5 -25.67 -6.95 -21.01
C PHE D 5 -26.33 -6.13 -19.90
N LYS D 6 -26.60 -6.77 -18.76
CA LYS D 6 -27.20 -6.07 -17.64
C LYS D 6 -26.26 -6.13 -16.43
N VAL D 7 -25.60 -5.01 -16.14
CA VAL D 7 -24.64 -4.95 -15.04
C VAL D 7 -25.15 -5.53 -13.72
N THR D 8 -24.53 -6.62 -13.29
CA THR D 8 -24.92 -7.27 -12.05
C THR D 8 -23.94 -6.94 -10.93
N ALA D 9 -22.74 -6.52 -11.30
CA ALA D 9 -21.70 -6.17 -10.34
C ALA D 9 -22.24 -5.29 -9.23
N ASP D 10 -22.02 -5.71 -7.99
CA ASP D 10 -22.49 -4.95 -6.84
C ASP D 10 -21.98 -3.53 -6.86
N SER D 11 -20.88 -3.31 -7.58
CA SER D 11 -20.29 -1.99 -7.66
C SER D 11 -20.24 -1.43 -9.06
N GLY D 12 -21.13 -1.90 -9.92
CA GLY D 12 -21.16 -1.42 -11.30
C GLY D 12 -19.87 -1.74 -12.03
N ILE D 13 -19.59 -1.02 -13.11
CA ILE D 13 -18.38 -1.24 -13.87
C ILE D 13 -17.28 -0.28 -13.39
N HIS D 14 -16.40 -0.81 -12.55
CA HIS D 14 -15.28 -0.08 -11.96
C HIS D 14 -14.20 -1.05 -11.51
N ALA D 15 -13.27 -0.58 -10.69
CA ALA D 15 -12.20 -1.41 -10.15
C ALA D 15 -11.46 -2.31 -11.15
N ARG D 16 -10.89 -3.40 -10.64
CA ARG D 16 -10.14 -4.35 -11.45
C ARG D 16 -10.91 -4.87 -12.66
N PRO D 17 -12.14 -5.35 -12.45
CA PRO D 17 -12.96 -5.87 -13.54
C PRO D 17 -13.07 -4.90 -14.72
N ALA D 18 -13.24 -3.61 -14.45
CA ALA D 18 -13.33 -2.62 -15.51
C ALA D 18 -12.07 -2.69 -16.36
N THR D 19 -10.92 -2.71 -15.69
CA THR D 19 -9.62 -2.79 -16.35
C THR D 19 -9.53 -4.08 -17.16
N VAL D 20 -9.84 -5.19 -16.50
CA VAL D 20 -9.80 -6.52 -17.13
C VAL D 20 -10.59 -6.50 -18.43
N LEU D 21 -11.72 -5.81 -18.42
CA LEU D 21 -12.58 -5.71 -19.58
C LEU D 21 -11.91 -4.84 -20.62
N VAL D 22 -11.64 -3.58 -20.27
CA VAL D 22 -10.99 -2.64 -21.18
C VAL D 22 -9.72 -3.26 -21.80
N GLN D 23 -8.96 -4.00 -21.01
CA GLN D 23 -7.74 -4.64 -21.49
C GLN D 23 -8.03 -5.74 -22.50
N THR D 24 -9.18 -6.38 -22.35
CA THR D 24 -9.58 -7.44 -23.28
C THR D 24 -10.03 -6.81 -24.59
N ALA D 25 -10.92 -5.83 -24.48
CA ALA D 25 -11.43 -5.12 -25.65
C ALA D 25 -10.32 -4.42 -26.44
N SER D 26 -9.10 -4.43 -25.91
CA SER D 26 -8.01 -3.78 -26.61
C SER D 26 -7.01 -4.77 -27.19
N LYS D 27 -7.34 -6.05 -27.08
CA LYS D 27 -6.51 -7.12 -27.62
C LYS D 27 -6.72 -7.25 -29.13
N TYR D 28 -7.94 -6.97 -29.57
CA TYR D 28 -8.33 -7.06 -30.98
C TYR D 28 -8.32 -5.72 -31.75
N ASP D 29 -8.20 -5.81 -33.08
CA ASP D 29 -8.15 -4.67 -33.99
C ASP D 29 -9.51 -4.00 -34.13
N ALA D 30 -10.55 -4.74 -33.73
CA ALA D 30 -11.91 -4.25 -33.81
C ALA D 30 -12.09 -3.04 -32.91
N ASP D 31 -12.81 -2.05 -33.42
CA ASP D 31 -13.04 -0.82 -32.67
C ASP D 31 -14.24 -0.96 -31.74
N VAL D 32 -13.99 -1.60 -30.60
CA VAL D 32 -15.03 -1.81 -29.59
C VAL D 32 -15.44 -0.48 -28.97
N ASN D 33 -16.73 -0.34 -28.71
CA ASN D 33 -17.30 0.88 -28.12
C ASN D 33 -18.41 0.51 -27.13
N LEU D 34 -18.61 1.35 -26.11
CA LEU D 34 -19.65 1.07 -25.12
C LEU D 34 -20.75 2.13 -25.17
N GLU D 35 -21.95 1.67 -25.51
CA GLU D 35 -23.13 2.54 -25.63
C GLU D 35 -23.95 2.45 -24.35
N TYR D 36 -24.01 3.56 -23.62
CA TYR D 36 -24.77 3.60 -22.38
C TYR D 36 -25.55 4.89 -22.25
N ASN D 37 -26.83 4.74 -21.91
CA ASN D 37 -27.75 5.86 -21.75
C ASN D 37 -27.55 6.84 -22.89
N GLY D 38 -27.13 6.33 -24.05
CA GLY D 38 -26.93 7.19 -25.20
C GLY D 38 -25.49 7.54 -25.51
N LYS D 39 -24.71 7.92 -24.50
CA LYS D 39 -23.33 8.27 -24.74
C LYS D 39 -22.47 7.02 -24.93
N THR D 40 -21.53 7.10 -25.87
CA THR D 40 -20.64 5.98 -26.20
C THR D 40 -19.17 6.35 -26.00
N VAL D 41 -18.38 5.38 -25.55
CA VAL D 41 -16.95 5.59 -25.33
C VAL D 41 -16.15 4.37 -25.77
N ASN D 42 -14.90 4.60 -26.19
CA ASN D 42 -14.03 3.53 -26.64
C ASN D 42 -13.85 2.57 -25.47
N LEU D 43 -14.07 1.29 -25.70
CA LEU D 43 -13.94 0.28 -24.65
C LEU D 43 -12.46 0.01 -24.38
N LYS D 44 -11.61 0.31 -25.37
CA LYS D 44 -10.18 0.11 -25.20
C LYS D 44 -9.57 1.25 -24.40
N ILE D 46 -9.60 3.58 -20.75
CA ILE D 46 -9.95 3.59 -19.33
C ILE D 46 -10.69 4.86 -18.91
N MET D 47 -10.10 6.01 -19.20
CA MET D 47 -10.69 7.29 -18.84
C MET D 47 -12.14 7.35 -19.24
N GLY D 48 -12.38 7.14 -20.54
CA GLY D 48 -13.74 7.18 -21.04
C GLY D 48 -14.67 6.25 -20.28
N VAL D 49 -14.40 4.95 -20.32
CA VAL D 49 -15.24 3.99 -19.63
C VAL D 49 -15.53 4.44 -18.20
N MET D 50 -14.49 4.51 -17.39
CA MET D 50 -14.69 4.90 -16.00
C MET D 50 -15.34 6.27 -15.84
N SER D 51 -15.32 7.10 -16.87
CA SER D 51 -15.93 8.42 -16.74
C SER D 51 -17.47 8.29 -16.70
N LEU D 52 -17.99 7.25 -17.36
CA LEU D 52 -19.43 6.99 -17.41
C LEU D 52 -20.07 6.71 -16.04
N GLY D 53 -19.37 5.96 -15.19
CA GLY D 53 -19.90 5.68 -13.87
C GLY D 53 -20.94 4.59 -13.85
N ILE D 54 -20.80 3.64 -14.77
CA ILE D 54 -21.72 2.52 -14.86
C ILE D 54 -21.95 1.90 -13.49
N ALA D 55 -23.05 2.29 -12.85
CA ALA D 55 -23.40 1.75 -11.54
C ALA D 55 -24.17 0.44 -11.79
N LYS D 56 -24.49 -0.29 -10.73
CA LYS D 56 -25.21 -1.56 -10.88
C LYS D 56 -26.66 -1.33 -11.33
N GLY D 57 -27.22 -2.34 -12.01
CA GLY D 57 -28.59 -2.23 -12.48
C GLY D 57 -28.73 -1.30 -13.68
N ALA D 58 -28.04 -1.64 -14.76
CA ALA D 58 -28.09 -0.84 -15.98
C ALA D 58 -27.92 -1.73 -17.21
N GLU D 59 -27.80 -1.09 -18.37
CA GLU D 59 -27.65 -1.83 -19.62
C GLU D 59 -26.72 -1.13 -20.60
N ILE D 60 -26.07 -1.93 -21.44
CA ILE D 60 -25.13 -1.41 -22.41
C ILE D 60 -25.05 -2.28 -23.67
N THR D 61 -24.25 -1.83 -24.63
CA THR D 61 -24.06 -2.55 -25.87
C THR D 61 -22.60 -2.46 -26.34
N ILE D 62 -22.03 -3.59 -26.70
CA ILE D 62 -20.65 -3.66 -27.14
C ILE D 62 -20.50 -3.78 -28.67
N SER D 63 -20.00 -2.71 -29.29
CA SER D 63 -19.81 -2.65 -30.75
C SER D 63 -18.77 -3.66 -31.23
N ALA D 64 -18.30 -3.46 -32.47
CA ALA D 64 -17.30 -4.32 -33.11
C ALA D 64 -17.29 -4.17 -34.63
N SER D 65 -16.39 -3.35 -35.17
CA SER D 65 -16.33 -3.16 -36.61
C SER D 65 -14.93 -3.35 -37.18
N GLY D 66 -14.48 -4.61 -37.21
CA GLY D 66 -13.17 -4.93 -37.74
C GLY D 66 -13.02 -6.39 -38.15
N ALA D 67 -11.82 -6.73 -38.61
CA ALA D 67 -11.49 -8.08 -39.07
C ALA D 67 -11.42 -9.12 -37.95
N ASP D 68 -12.31 -8.99 -36.96
CA ASP D 68 -12.37 -9.91 -35.83
C ASP D 68 -13.47 -9.48 -34.87
N GLU D 69 -14.34 -8.60 -35.34
CA GLU D 69 -15.45 -8.09 -34.55
C GLU D 69 -16.31 -9.19 -33.91
N ASN D 70 -16.01 -10.43 -34.26
CA ASN D 70 -16.72 -11.59 -33.73
C ASN D 70 -15.88 -12.26 -32.67
N ASP D 71 -14.57 -12.38 -32.95
CA ASP D 71 -13.64 -13.00 -32.02
C ASP D 71 -13.58 -12.11 -30.79
N ALA D 72 -14.03 -10.87 -30.98
CA ALA D 72 -14.06 -9.89 -29.91
C ALA D 72 -15.21 -10.18 -28.95
N LEU D 73 -16.45 -9.95 -29.40
CA LEU D 73 -17.61 -10.19 -28.55
C LEU D 73 -17.59 -11.51 -27.80
N ASN D 74 -17.04 -12.55 -28.41
CA ASN D 74 -16.97 -13.85 -27.76
C ASN D 74 -16.08 -13.79 -26.53
N ALA D 75 -14.91 -13.19 -26.70
CA ALA D 75 -13.96 -13.03 -25.60
C ALA D 75 -14.49 -11.99 -24.63
N LEU D 76 -15.13 -10.95 -25.16
CA LEU D 76 -15.70 -9.89 -24.35
C LEU D 76 -16.87 -10.42 -23.51
N GLU D 77 -17.62 -11.34 -24.08
CA GLU D 77 -18.75 -11.94 -23.38
C GLU D 77 -18.15 -12.81 -22.30
N GLU D 78 -16.99 -13.38 -22.59
CA GLU D 78 -16.29 -14.25 -21.66
C GLU D 78 -16.07 -13.52 -20.33
N THR D 79 -15.14 -12.58 -20.33
CA THR D 79 -14.85 -11.81 -19.12
C THR D 79 -16.10 -11.14 -18.57
N MET D 80 -16.94 -10.61 -19.47
CA MET D 80 -18.18 -9.94 -19.10
C MET D 80 -18.98 -10.70 -18.04
N LYS D 81 -18.74 -12.00 -17.96
CA LYS D 81 -19.43 -12.86 -17.01
C LYS D 81 -18.39 -13.50 -16.07
N SER D 82 -17.15 -13.61 -16.54
CA SER D 82 -16.06 -14.19 -15.76
C SER D 82 -15.75 -13.29 -14.58
N GLU D 83 -15.95 -12.00 -14.78
CA GLU D 83 -15.71 -11.00 -13.76
C GLU D 83 -17.03 -10.59 -13.11
N GLY D 84 -18.04 -11.44 -13.27
CA GLY D 84 -19.34 -11.15 -12.69
C GLY D 84 -19.82 -9.77 -13.08
N LEU D 85 -19.91 -9.53 -14.37
CA LEU D 85 -20.36 -8.25 -14.86
C LEU D 85 -21.53 -8.45 -15.80
N GLY D 86 -22.67 -8.82 -15.24
CA GLY D 86 -23.86 -9.05 -16.04
C GLY D 86 -23.81 -10.21 -17.01
N GLU D 87 -24.66 -10.15 -18.04
CA GLU D 87 -24.74 -11.20 -19.05
C GLU D 87 -25.65 -10.74 -20.20
#